data_5D6D
#
_entry.id   5D6D
#
_cell.length_a   74.380
_cell.length_b   94.500
_cell.length_c   108.670
_cell.angle_alpha   90.00
_cell.angle_beta   90.00
_cell.angle_gamma   90.00
#
_symmetry.space_group_name_H-M   'P 21 21 21'
#
loop_
_entity.id
_entity.type
_entity.pdbx_description
1 polymer 'Ig gamma-1 chain C region'
2 polymer 'Low affinity immunoglobulin gamma Fc region receptor III-A'
3 branched beta-D-galactopyranose-(1-4)-2-acetamido-2-deoxy-beta-D-glucopyranose-(1-2)-alpha-D-mannopyranose-(1-6)-[2-acetamido-2-deoxy-beta-D-glucopyranose-(1-2)-alpha-D-mannopyranose-(1-3)]beta-D-mannopyranose-(1-4)-2-acetamido-2-deoxy-beta-D-glucopyranose-(1-4)-[beta-L-fucopyranose-(1-6)]2-acetamido-2-deoxy-beta-D-glucopyranose
4 branched beta-D-galactopyranose-(1-4)-2-acetamido-2-deoxy-beta-D-glucopyranose-(1-2)-alpha-D-mannopyranose-(1-6)-[2-acetamido-2-deoxy-beta-D-glucopyranose-(1-2)-alpha-D-mannopyranose-(1-3)]beta-D-mannopyranose-(1-4)-2-acetamido-2-deoxy-beta-D-glucopyranose-(1-4)-2-acetamido-2-deoxy-beta-D-glucopyranose
5 non-polymer alpha-L-fucopyranose
6 non-polymer 2-acetamido-2-deoxy-beta-D-glucopyranose
#
loop_
_entity_poly.entity_id
_entity_poly.type
_entity_poly.pdbx_seq_one_letter_code
_entity_poly.pdbx_strand_id
1 'polypeptide(L)'
;MEFGLSWLFLVAILKGVQCEVQLLETSTCPPCPAPELLAGPDVFLFPPKPKDTLMISRTPEVTCVVVDVSHEDPEVKFNW
YVDGVEVHNAKTKPREEQYNSTYRVVSVLTVLHQDWLNGKEYKCKVSNKALPLPEEKTISKAKGQPREPQVYTLPPSRDE
LTKNQVSLTCLVKGFYPSDIAVEWESNGQPENNYKTTPPVLDSDGSFFLYSKLTVDKSRWQQGNVFSCSVMHEALHNHYT
QKSLSLSPG
;
A,B
2 'polypeptide(L)'
;MWQLLLPTALLLLVSAGMRTEDLPKAVVFLEPQWYRVLEKDSVTLKCQGAYSPEDQSTQWFHNESLISSQASSYFIDAAT
VDDSGEYRCQTQLSTLSDPVQLEVHIGWLLLQAPRWVFKEEDPIHLRCHSWKNTALHKVTYLQNGKGRKYFHHNSDFYIP
KATLKDSGSYFCRGLFGSKNVSSETVQITITQGLAVSTISSFFPPSRGGGGSGGGGHVLNDIFEAQKIEWHETGHHHHHH
;
C
#
loop_
_chem_comp.id
_chem_comp.type
_chem_comp.name
_chem_comp.formula
BMA D-saccharide, beta linking beta-D-mannopyranose 'C6 H12 O6'
FUC L-saccharide, alpha linking alpha-L-fucopyranose 'C6 H12 O5'
FUL L-saccharide, beta linking beta-L-fucopyranose 'C6 H12 O5'
GAL D-saccharide, beta linking beta-D-galactopyranose 'C6 H12 O6'
MAN D-saccharide, alpha linking alpha-D-mannopyranose 'C6 H12 O6'
NAG D-saccharide, beta linking 2-acetamido-2-deoxy-beta-D-glucopyranose 'C8 H15 N O6'
#
# COMPACT_ATOMS: atom_id res chain seq x y z
N ALA A 39 4.74 -18.91 -5.02
CA ALA A 39 3.70 -19.88 -5.30
C ALA A 39 2.75 -19.90 -4.15
N GLY A 40 3.29 -19.70 -2.97
CA GLY A 40 2.51 -19.73 -1.74
C GLY A 40 2.47 -21.10 -1.02
N PRO A 41 1.74 -21.24 0.17
CA PRO A 41 1.08 -20.03 0.67
C PRO A 41 2.08 -19.02 1.24
N ASP A 42 1.68 -17.76 1.31
CA ASP A 42 2.51 -16.72 1.88
C ASP A 42 2.24 -16.80 3.36
N VAL A 43 3.27 -16.55 4.16
CA VAL A 43 3.23 -16.58 5.60
C VAL A 43 3.66 -15.26 6.22
N PHE A 44 2.90 -14.82 7.21
CA PHE A 44 3.28 -13.66 7.96
C PHE A 44 3.20 -13.99 9.42
N LEU A 45 4.14 -13.47 10.19
CA LEU A 45 4.23 -13.77 11.59
C LEU A 45 4.21 -12.49 12.38
N PHE A 46 3.38 -12.43 13.41
CA PHE A 46 3.13 -11.20 14.14
C PHE A 46 3.52 -11.31 15.60
N PRO A 47 3.81 -10.19 16.22
CA PRO A 47 4.30 -10.16 17.58
C PRO A 47 3.23 -9.81 18.58
N PRO A 48 3.52 -9.95 19.84
CA PRO A 48 2.60 -9.57 20.87
C PRO A 48 2.33 -8.09 20.89
N LYS A 49 1.13 -7.60 21.19
CA LYS A 49 0.99 -6.17 21.38
C LYS A 49 1.76 -5.91 22.65
N PRO A 50 2.35 -4.74 22.83
CA PRO A 50 3.23 -4.58 23.96
C PRO A 50 2.55 -4.68 25.31
N LYS A 51 1.32 -4.22 25.38
CA LYS A 51 0.63 -4.14 26.65
C LYS A 51 0.54 -5.52 27.26
N ASP A 52 0.25 -6.50 26.44
CA ASP A 52 0.09 -7.86 26.91
C ASP A 52 1.35 -8.37 27.52
N THR A 53 2.47 -8.08 26.90
CA THR A 53 3.81 -8.47 27.36
C THR A 53 4.26 -7.80 28.63
N LEU A 54 4.01 -6.50 28.70
CA LEU A 54 4.40 -5.68 29.85
C LEU A 54 3.65 -5.88 31.16
N MET A 55 2.36 -6.14 31.06
CA MET A 55 1.53 -6.28 32.23
C MET A 55 1.35 -7.72 32.61
N ILE A 56 1.61 -8.09 33.84
CA ILE A 56 1.46 -9.50 34.14
C ILE A 56 0.02 -10.02 33.99
N SER A 57 -0.98 -9.20 34.21
CA SER A 57 -2.32 -9.72 34.24
C SER A 57 -2.64 -10.42 32.92
N ARG A 58 -2.22 -9.85 31.81
CA ARG A 58 -2.55 -10.29 30.45
C ARG A 58 -1.67 -11.39 29.87
N THR A 59 -2.13 -12.01 28.80
CA THR A 59 -1.41 -13.07 28.14
C THR A 59 -1.12 -12.69 26.70
N PRO A 60 0.15 -12.58 26.38
CA PRO A 60 0.66 -12.25 25.05
C PRO A 60 0.70 -13.39 24.08
N GLU A 61 0.53 -13.16 22.80
CA GLU A 61 0.78 -14.26 21.91
C GLU A 61 1.25 -13.88 20.54
N VAL A 62 1.98 -14.81 19.98
CA VAL A 62 2.54 -14.67 18.67
C VAL A 62 1.68 -15.42 17.70
N THR A 63 1.34 -14.75 16.61
CA THR A 63 0.40 -15.26 15.64
C THR A 63 1.08 -15.52 14.33
N CYS A 64 0.85 -16.70 13.78
CA CYS A 64 1.40 -17.05 12.50
C CYS A 64 0.21 -17.09 11.57
N VAL A 65 0.24 -16.25 10.55
CA VAL A 65 -0.85 -16.18 9.61
C VAL A 65 -0.44 -16.69 8.24
N VAL A 66 -1.28 -17.54 7.67
CA VAL A 66 -1.04 -18.13 6.36
C VAL A 66 -2.16 -17.76 5.43
N VAL A 67 -1.79 -17.38 4.20
CA VAL A 67 -2.69 -16.82 3.19
C VAL A 67 -2.55 -17.43 1.80
N ASP A 68 -3.53 -17.23 0.95
CA ASP A 68 -3.51 -17.81 -0.38
C ASP A 68 -3.43 -19.36 -0.42
N VAL A 69 -4.42 -20.06 0.13
CA VAL A 69 -4.39 -21.52 0.12
C VAL A 69 -5.51 -22.16 -0.71
N SER A 70 -5.16 -22.97 -1.68
CA SER A 70 -6.15 -23.58 -2.53
C SER A 70 -6.73 -24.79 -1.94
N HIS A 71 -7.90 -25.16 -2.43
CA HIS A 71 -8.60 -26.35 -2.01
C HIS A 71 -7.77 -27.55 -2.38
N GLU A 72 -7.17 -27.50 -3.55
CA GLU A 72 -6.37 -28.62 -4.00
C GLU A 72 -5.27 -28.89 -2.99
N ASP A 73 -4.86 -27.84 -2.30
CA ASP A 73 -3.83 -27.95 -1.29
C ASP A 73 -4.30 -27.18 -0.07
N PRO A 74 -5.32 -27.74 0.65
CA PRO A 74 -5.78 -26.94 1.79
C PRO A 74 -5.34 -27.36 3.17
N GLU A 75 -4.66 -28.49 3.34
CA GLU A 75 -4.20 -28.83 4.68
C GLU A 75 -2.83 -28.27 4.97
N VAL A 76 -2.71 -27.70 6.17
CA VAL A 76 -1.54 -26.95 6.58
C VAL A 76 -1.01 -27.38 7.95
N LYS A 77 0.29 -27.57 8.02
CA LYS A 77 0.95 -28.04 9.21
C LYS A 77 1.70 -26.91 9.84
N PHE A 78 1.76 -26.87 11.15
CA PHE A 78 2.53 -25.86 11.84
C PHE A 78 3.53 -26.50 12.78
N ASN A 79 4.77 -26.04 12.70
CA ASN A 79 5.76 -26.36 13.69
C ASN A 79 6.31 -25.09 14.29
N TRP A 80 6.32 -25.01 15.61
CA TRP A 80 6.67 -23.81 16.31
C TRP A 80 7.91 -24.04 17.13
N TYR A 81 8.80 -23.06 17.11
CA TYR A 81 10.09 -23.16 17.75
C TYR A 81 10.34 -21.96 18.63
N VAL A 82 10.92 -22.17 19.80
CA VAL A 82 11.45 -21.08 20.58
C VAL A 82 12.92 -21.35 20.78
N ASP A 83 13.75 -20.45 20.29
CA ASP A 83 15.16 -20.59 20.46
C ASP A 83 15.63 -21.90 19.87
N GLY A 84 14.93 -22.33 18.84
CA GLY A 84 15.36 -23.44 18.03
C GLY A 84 14.90 -24.76 18.57
N VAL A 85 14.35 -24.77 19.78
CA VAL A 85 13.77 -25.97 20.35
C VAL A 85 12.29 -25.96 20.03
N GLU A 86 11.79 -27.04 19.45
CA GLU A 86 10.39 -27.09 19.03
C GLU A 86 9.52 -26.99 20.25
N VAL A 87 8.34 -26.40 20.11
CA VAL A 87 7.42 -26.30 21.22
C VAL A 87 6.04 -26.73 20.79
N HIS A 88 5.29 -27.27 21.74
CA HIS A 88 3.94 -27.68 21.46
C HIS A 88 2.96 -27.11 22.46
N ASN A 89 2.17 -26.15 21.98
CA ASN A 89 1.11 -25.54 22.76
C ASN A 89 0.36 -24.51 21.93
N ALA A 90 0.40 -24.66 20.61
CA ALA A 90 -0.24 -23.70 19.75
C ALA A 90 -1.58 -24.22 19.34
N LYS A 91 -2.55 -23.33 19.22
CA LYS A 91 -3.88 -23.70 18.85
C LYS A 91 -4.13 -23.20 17.45
N THR A 92 -4.20 -24.13 16.51
CA THR A 92 -4.49 -23.78 15.14
C THR A 92 -5.97 -23.59 14.91
N LYS A 93 -6.36 -22.45 14.37
CA LYS A 93 -7.75 -22.21 14.03
C LYS A 93 -8.11 -22.84 12.70
N PRO A 94 -9.39 -22.92 12.41
CA PRO A 94 -9.92 -23.56 11.21
C PRO A 94 -9.72 -22.78 9.92
N ARG A 95 -9.59 -23.47 8.80
CA ARG A 95 -9.36 -22.69 7.64
C ARG A 95 -10.62 -21.88 7.66
N GLU A 96 -10.46 -20.58 7.59
CA GLU A 96 -11.57 -19.71 7.31
C GLU A 96 -11.41 -19.32 5.87
N GLU A 97 -12.31 -19.80 5.04
CA GLU A 97 -12.30 -19.46 3.64
C GLU A 97 -12.67 -18.00 3.47
N GLN A 98 -11.92 -17.40 2.57
CA GLN A 98 -11.95 -16.01 2.18
C GLN A 98 -12.86 -15.61 1.06
N TYR A 99 -12.87 -14.32 0.84
CA TYR A 99 -13.64 -13.67 -0.18
C TYR A 99 -13.23 -14.05 -1.57
N ASN A 100 -11.94 -14.25 -1.75
CA ASN A 100 -11.38 -14.54 -3.04
C ASN A 100 -11.17 -15.99 -3.42
N SER A 101 -11.87 -16.94 -2.85
CA SER A 101 -11.74 -18.35 -3.17
C SER A 101 -10.57 -19.10 -2.52
N THR A 102 -10.02 -18.50 -1.48
CA THR A 102 -8.83 -18.95 -0.80
C THR A 102 -9.10 -19.23 0.67
N TYR A 103 -8.60 -20.34 1.18
CA TYR A 103 -8.71 -20.65 2.58
C TYR A 103 -7.74 -19.73 3.28
N ARG A 104 -7.94 -19.51 4.58
CA ARG A 104 -7.02 -18.78 5.40
C ARG A 104 -6.80 -19.51 6.71
N VAL A 105 -5.55 -19.68 7.13
CA VAL A 105 -5.28 -20.46 8.31
C VAL A 105 -4.41 -19.66 9.23
N VAL A 106 -4.53 -19.94 10.52
CA VAL A 106 -3.80 -19.24 11.54
C VAL A 106 -3.40 -20.16 12.66
N SER A 107 -2.19 -19.98 13.17
CA SER A 107 -1.73 -20.64 14.38
C SER A 107 -1.29 -19.62 15.39
N VAL A 108 -1.67 -19.79 16.65
CA VAL A 108 -1.34 -18.86 17.71
C VAL A 108 -0.50 -19.56 18.75
N LEU A 109 0.54 -18.90 19.22
CA LEU A 109 1.35 -19.43 20.29
C LEU A 109 1.25 -18.54 21.51
N THR A 110 1.26 -19.14 22.68
CA THR A 110 1.16 -18.39 23.88
C THR A 110 2.53 -18.29 24.46
N VAL A 111 2.98 -17.05 24.70
CA VAL A 111 4.33 -16.75 25.08
C VAL A 111 4.45 -16.21 26.48
N LEU A 112 5.48 -16.59 27.20
CA LEU A 112 5.71 -16.07 28.53
C LEU A 112 6.24 -14.66 28.41
N HIS A 113 6.03 -13.84 29.44
CA HIS A 113 6.50 -12.46 29.42
C HIS A 113 7.98 -12.29 29.50
N GLN A 114 8.65 -13.05 30.34
CA GLN A 114 10.07 -12.87 30.47
C GLN A 114 10.77 -13.70 29.41
N ASP A 115 10.03 -14.50 28.67
CA ASP A 115 10.55 -15.14 27.46
C ASP A 115 10.76 -14.18 26.30
N TRP A 116 9.71 -13.44 25.98
CA TRP A 116 9.75 -12.41 24.97
C TRP A 116 10.59 -11.17 25.28
N LEU A 117 10.54 -10.67 26.49
CA LEU A 117 11.32 -9.50 26.84
C LEU A 117 12.80 -9.81 26.96
N ASN A 118 13.14 -11.08 26.98
CA ASN A 118 14.52 -11.48 27.09
C ASN A 118 15.22 -11.68 25.76
N GLY A 119 14.49 -11.52 24.67
CA GLY A 119 15.10 -11.60 23.37
C GLY A 119 14.96 -12.87 22.58
N LYS A 120 14.03 -13.74 22.98
CA LYS A 120 13.91 -15.06 22.38
C LYS A 120 13.42 -15.01 20.94
N GLU A 121 13.92 -15.89 20.09
CA GLU A 121 13.49 -15.96 18.72
C GLU A 121 12.35 -16.96 18.56
N TYR A 122 11.27 -16.51 17.96
CA TYR A 122 10.11 -17.35 17.70
C TYR A 122 10.00 -17.68 16.21
N LYS A 123 10.00 -18.96 15.88
CA LYS A 123 9.99 -19.36 14.49
C LYS A 123 8.80 -20.22 14.18
N CYS A 124 8.32 -20.08 12.96
CA CYS A 124 7.15 -20.82 12.52
C CYS A 124 7.51 -21.53 11.25
N LYS A 125 7.26 -22.83 11.21
CA LYS A 125 7.55 -23.60 10.02
C LYS A 125 6.29 -24.17 9.45
N VAL A 126 5.94 -23.77 8.24
CA VAL A 126 4.73 -24.25 7.64
C VAL A 126 5.00 -25.26 6.56
N SER A 127 4.49 -26.47 6.75
CA SER A 127 4.49 -27.49 5.74
C SER A 127 3.15 -27.52 5.04
N ASN A 128 3.19 -27.71 3.74
CA ASN A 128 1.99 -27.77 2.89
C ASN A 128 2.34 -28.53 1.62
N LYS A 129 1.33 -28.96 0.86
CA LYS A 129 1.60 -29.81 -0.28
C LYS A 129 1.69 -28.97 -1.57
N ALA A 130 1.79 -27.66 -1.41
CA ALA A 130 2.15 -26.81 -2.53
C ALA A 130 3.51 -26.19 -2.33
N LEU A 131 4.00 -26.12 -1.10
CA LEU A 131 5.32 -25.58 -0.88
C LEU A 131 6.32 -26.70 -0.99
N PRO A 132 7.28 -26.54 -1.87
CA PRO A 132 8.30 -27.56 -2.07
C PRO A 132 9.13 -27.79 -0.83
N LEU A 133 9.48 -26.69 -0.17
CA LEU A 133 10.19 -26.67 1.09
C LEU A 133 9.45 -25.81 2.11
N PRO A 134 9.37 -26.22 3.36
CA PRO A 134 8.54 -25.48 4.28
C PRO A 134 8.99 -24.04 4.36
N GLU A 135 8.07 -23.15 4.75
CA GLU A 135 8.35 -21.74 4.86
C GLU A 135 8.58 -21.40 6.29
N GLU A 136 9.79 -20.97 6.61
CA GLU A 136 10.09 -20.52 7.94
C GLU A 136 10.02 -19.03 7.94
N LYS A 137 9.29 -18.47 8.91
CA LYS A 137 9.36 -17.06 9.22
C LYS A 137 9.61 -17.02 10.68
N THR A 138 10.48 -16.13 11.12
CA THR A 138 10.82 -16.03 12.53
C THR A 138 10.60 -14.59 12.92
N ILE A 139 10.39 -14.38 14.21
CA ILE A 139 10.23 -13.04 14.72
C ILE A 139 10.74 -12.98 16.14
N SER A 140 11.20 -11.80 16.56
CA SER A 140 11.86 -11.63 17.84
C SER A 140 11.73 -10.19 18.30
N LYS A 141 12.16 -9.93 19.52
CA LYS A 141 12.14 -8.58 20.07
C LYS A 141 13.22 -7.70 19.49
N ALA A 142 12.96 -6.40 19.53
CA ALA A 142 13.91 -5.46 18.97
C ALA A 142 15.15 -5.37 19.83
N LYS A 143 16.29 -5.60 19.23
CA LYS A 143 17.56 -5.59 19.93
C LYS A 143 18.08 -4.19 20.20
N GLY A 144 18.57 -4.02 21.42
CA GLY A 144 19.21 -2.79 21.83
C GLY A 144 18.94 -2.41 23.27
N GLN A 145 19.84 -1.65 23.86
CA GLN A 145 19.67 -1.31 25.24
C GLN A 145 18.39 -0.53 25.37
N PRO A 146 17.57 -0.85 26.36
CA PRO A 146 16.35 -0.10 26.64
C PRO A 146 16.60 1.24 27.27
N ARG A 147 15.76 2.21 27.01
CA ARG A 147 15.88 3.49 27.65
C ARG A 147 14.56 3.95 28.19
N GLU A 148 14.53 4.44 29.43
CA GLU A 148 13.29 4.75 30.11
C GLU A 148 12.74 6.07 29.64
N PRO A 149 11.53 6.06 29.10
CA PRO A 149 10.94 7.28 28.57
C PRO A 149 10.64 8.34 29.61
N GLN A 150 10.79 9.59 29.24
CA GLN A 150 10.35 10.65 30.11
C GLN A 150 9.07 11.15 29.53
N VAL A 151 8.09 11.34 30.40
CA VAL A 151 6.75 11.65 30.01
C VAL A 151 6.34 13.01 30.51
N TYR A 152 5.72 13.80 29.63
CA TYR A 152 5.29 15.13 29.95
C TYR A 152 3.90 15.39 29.41
N THR A 153 3.04 16.01 30.20
CA THR A 153 1.72 16.38 29.77
C THR A 153 1.65 17.86 29.56
N LEU A 154 1.05 18.25 28.44
CA LEU A 154 0.98 19.64 28.09
C LEU A 154 -0.44 20.15 27.93
N PRO A 155 -0.79 21.27 28.55
CA PRO A 155 -2.14 21.83 28.49
C PRO A 155 -2.47 22.53 27.20
N PRO A 156 -3.69 23.00 27.05
CA PRO A 156 -4.16 23.62 25.82
C PRO A 156 -3.60 24.98 25.56
N SER A 157 -3.45 25.36 24.30
CA SER A 157 -2.90 26.64 23.98
C SER A 157 -3.92 27.66 24.32
N ARG A 158 -3.49 28.84 24.75
CA ARG A 158 -4.43 29.86 25.15
C ARG A 158 -5.26 30.16 23.92
N ASP A 159 -4.59 30.21 22.79
CA ASP A 159 -5.25 30.46 21.51
C ASP A 159 -6.42 29.54 21.21
N GLU A 160 -6.32 28.30 21.66
CA GLU A 160 -7.33 27.26 21.45
C GLU A 160 -8.65 27.47 22.14
N LEU A 161 -8.63 28.18 23.26
CA LEU A 161 -9.78 28.26 24.12
C LEU A 161 -10.93 28.78 23.32
N THR A 162 -10.66 29.47 22.23
CA THR A 162 -11.70 30.19 21.52
C THR A 162 -12.61 29.24 20.82
N LYS A 163 -12.28 27.96 20.95
CA LYS A 163 -12.93 26.89 20.24
C LYS A 163 -13.80 25.99 21.10
N ASN A 164 -14.61 25.15 20.46
CA ASN A 164 -15.58 24.33 21.20
C ASN A 164 -14.90 23.37 22.12
N GLN A 165 -13.74 22.89 21.69
CA GLN A 165 -13.01 21.88 22.43
C GLN A 165 -11.53 22.18 22.40
N VAL A 166 -10.85 21.83 23.47
CA VAL A 166 -9.43 22.04 23.62
C VAL A 166 -8.72 20.72 23.48
N SER A 167 -7.40 20.73 23.34
CA SER A 167 -6.64 19.52 23.10
C SER A 167 -5.62 19.29 24.19
N LEU A 168 -5.45 18.06 24.62
CA LEU A 168 -4.48 17.74 25.65
C LEU A 168 -3.46 16.82 25.10
N THR A 169 -2.21 17.15 25.30
CA THR A 169 -1.10 16.48 24.67
C THR A 169 -0.23 15.76 25.67
N CYS A 170 0.07 14.50 25.37
CA CYS A 170 1.02 13.76 26.18
C CYS A 170 2.26 13.54 25.33
N LEU A 171 3.40 14.00 25.81
CA LEU A 171 4.62 13.83 25.07
C LEU A 171 5.46 12.78 25.74
N VAL A 172 5.69 11.70 25.02
CA VAL A 172 6.58 10.66 25.47
C VAL A 172 7.79 10.69 24.57
N LYS A 173 8.97 10.85 25.16
CA LYS A 173 10.20 10.87 24.39
C LYS A 173 11.32 10.16 25.15
N GLY A 174 12.36 9.74 24.42
CA GLY A 174 13.48 9.10 25.05
C GLY A 174 13.50 7.60 25.21
N PHE A 175 12.67 6.88 24.48
CA PHE A 175 12.56 5.46 24.68
C PHE A 175 13.03 4.60 23.52
N TYR A 176 13.69 3.49 23.84
CA TYR A 176 14.00 2.44 22.88
C TYR A 176 13.59 1.13 23.52
N PRO A 177 12.91 0.20 22.86
CA PRO A 177 12.48 0.20 21.46
C PRO A 177 11.20 0.92 21.14
N SER A 178 10.80 0.90 19.89
CA SER A 178 9.62 1.64 19.46
C SER A 178 8.40 1.14 20.20
N ASP A 179 8.47 -0.08 20.70
CA ASP A 179 7.27 -0.71 21.16
C ASP A 179 6.85 -0.15 22.48
N ILE A 180 5.73 0.55 22.47
CA ILE A 180 5.17 1.20 23.65
C ILE A 180 3.63 1.21 23.62
N ALA A 181 3.01 1.38 24.77
CA ALA A 181 1.57 1.57 24.85
C ALA A 181 1.21 2.84 25.59
N VAL A 182 0.31 3.64 25.03
CA VAL A 182 -0.10 4.89 25.64
C VAL A 182 -1.61 5.03 25.69
N GLU A 183 -2.17 5.39 26.84
CA GLU A 183 -3.60 5.49 27.00
C GLU A 183 -4.00 6.69 27.85
N TRP A 184 -5.25 7.10 27.81
CA TRP A 184 -5.75 8.25 28.56
C TRP A 184 -6.91 7.87 29.42
N GLU A 185 -7.09 8.57 30.54
CA GLU A 185 -8.26 8.36 31.37
C GLU A 185 -8.62 9.62 32.13
N SER A 186 -9.90 9.72 32.53
CA SER A 186 -10.41 10.87 33.28
C SER A 186 -11.11 10.38 34.55
N ASN A 187 -10.45 10.59 35.67
CA ASN A 187 -10.97 10.17 36.97
C ASN A 187 -11.39 8.69 37.03
N GLY A 188 -10.78 7.86 36.17
CA GLY A 188 -10.94 6.42 36.26
C GLY A 188 -11.39 5.67 35.01
N GLN A 189 -12.13 6.32 34.12
CA GLN A 189 -12.65 5.62 32.95
C GLN A 189 -11.63 5.80 31.85
N PRO A 190 -11.56 4.91 30.90
CA PRO A 190 -10.63 5.20 29.82
C PRO A 190 -11.28 6.23 28.96
N GLU A 191 -10.63 7.36 28.73
CA GLU A 191 -11.19 8.32 27.81
C GLU A 191 -11.00 7.79 26.41
N ASN A 192 -11.86 8.22 25.51
CA ASN A 192 -12.05 7.56 24.22
C ASN A 192 -11.93 8.48 23.02
N ASN A 193 -11.39 9.67 23.24
CA ASN A 193 -11.19 10.58 22.14
C ASN A 193 -9.79 11.07 22.19
N TYR A 194 -8.87 10.15 21.94
CA TYR A 194 -7.47 10.45 21.79
C TYR A 194 -6.85 9.67 20.65
N LYS A 195 -5.94 10.30 19.91
CA LYS A 195 -5.18 9.62 18.89
C LYS A 195 -3.69 9.80 19.14
N THR A 196 -2.89 8.82 18.75
CA THR A 196 -1.45 8.82 19.02
C THR A 196 -0.62 8.71 17.75
N THR A 197 0.42 9.52 17.62
CA THR A 197 1.24 9.49 16.43
C THR A 197 2.29 8.44 16.55
N PRO A 198 2.55 7.68 15.49
CA PRO A 198 3.49 6.58 15.57
C PRO A 198 4.91 6.99 15.90
N PRO A 199 5.67 6.17 16.59
CA PRO A 199 6.92 6.66 17.10
C PRO A 199 7.81 7.26 16.05
N VAL A 200 8.48 8.30 16.48
CA VAL A 200 9.32 9.10 15.62
C VAL A 200 10.76 8.93 16.07
N LEU A 201 11.62 8.64 15.11
CA LEU A 201 12.99 8.37 15.47
C LEU A 201 13.64 9.70 15.74
N ASP A 202 14.10 9.86 16.97
CA ASP A 202 14.76 11.07 17.43
C ASP A 202 16.19 11.16 16.92
N SER A 203 16.77 12.34 17.05
CA SER A 203 18.12 12.62 16.57
C SER A 203 19.16 11.92 17.40
N ASP A 204 18.72 11.40 18.54
CA ASP A 204 19.63 10.79 19.49
C ASP A 204 19.46 9.30 19.63
N GLY A 205 18.74 8.71 18.70
CA GLY A 205 18.56 7.28 18.65
C GLY A 205 17.39 6.78 19.48
N SER A 206 16.82 7.64 20.30
CA SER A 206 15.61 7.32 21.02
C SER A 206 14.41 7.60 20.16
N PHE A 207 13.23 7.22 20.63
CA PHE A 207 12.00 7.43 19.90
C PHE A 207 11.15 8.34 20.71
N PHE A 208 10.15 8.94 20.07
CA PHE A 208 9.18 9.79 20.71
C PHE A 208 7.80 9.70 20.07
N LEU A 209 6.77 10.13 20.80
CA LEU A 209 5.43 10.17 20.24
C LEU A 209 4.60 11.23 20.92
N TYR A 210 3.48 11.57 20.32
CA TYR A 210 2.56 12.55 20.87
C TYR A 210 1.17 11.98 20.87
N SER A 211 0.47 12.07 21.99
CA SER A 211 -0.91 11.61 22.09
C SER A 211 -1.82 12.76 22.36
N LYS A 212 -2.78 12.98 21.48
CA LYS A 212 -3.67 14.10 21.63
C LYS A 212 -5.07 13.69 22.06
N LEU A 213 -5.46 14.13 23.25
CA LEU A 213 -6.75 13.83 23.78
C LEU A 213 -7.62 15.04 23.66
N THR A 214 -8.84 14.87 23.18
CA THR A 214 -9.72 15.97 22.90
C THR A 214 -10.95 15.95 23.81
N VAL A 215 -11.15 17.04 24.54
CA VAL A 215 -12.24 17.22 25.49
C VAL A 215 -12.96 18.52 25.24
N ASP A 216 -14.03 18.76 25.97
CA ASP A 216 -14.83 19.96 25.77
C ASP A 216 -14.41 21.04 26.74
N LYS A 217 -14.30 22.25 26.27
CA LYS A 217 -13.61 23.26 27.02
C LYS A 217 -14.25 23.34 28.37
N SER A 218 -15.54 23.07 28.38
CA SER A 218 -16.30 23.10 29.61
C SER A 218 -15.74 22.08 30.56
N ARG A 219 -15.36 20.95 30.02
CA ARG A 219 -14.81 19.87 30.79
C ARG A 219 -13.54 20.34 31.42
N TRP A 220 -12.83 21.17 30.67
CA TRP A 220 -11.52 21.73 31.00
C TRP A 220 -11.46 22.77 32.12
N GLN A 221 -12.33 23.75 32.05
CA GLN A 221 -12.28 24.85 32.98
C GLN A 221 -12.61 24.43 34.41
N GLN A 222 -13.48 23.46 34.53
CA GLN A 222 -13.98 23.08 35.81
C GLN A 222 -12.78 22.70 36.64
N GLY A 223 -11.78 22.17 35.98
CA GLY A 223 -10.63 21.67 36.70
C GLY A 223 -10.64 20.19 36.92
N ASN A 224 -11.10 19.45 35.92
CA ASN A 224 -11.11 18.00 35.96
C ASN A 224 -9.70 17.46 35.85
N VAL A 225 -9.45 16.27 36.37
CA VAL A 225 -8.14 15.71 36.36
C VAL A 225 -8.05 14.71 35.25
N PHE A 226 -7.00 14.82 34.45
CA PHE A 226 -6.76 13.95 33.32
C PHE A 226 -5.39 13.30 33.40
N SER A 227 -5.32 12.04 33.00
CA SER A 227 -4.11 11.28 33.11
C SER A 227 -3.70 10.59 31.82
N CYS A 228 -2.41 10.69 31.50
CA CYS A 228 -1.85 9.98 30.37
C CYS A 228 -1.03 8.83 30.92
N SER A 229 -1.33 7.62 30.44
CA SER A 229 -0.76 6.41 31.00
C SER A 229 0.19 5.74 30.03
N VAL A 230 1.40 5.47 30.50
CA VAL A 230 2.44 4.95 29.65
C VAL A 230 3.02 3.64 30.12
N MET A 231 3.06 2.66 29.23
CA MET A 231 3.64 1.38 29.56
C MET A 231 4.75 1.01 28.59
N HIS A 232 5.94 0.76 29.11
CA HIS A 232 7.10 0.42 28.33
C HIS A 232 8.02 -0.46 29.16
N GLU A 233 8.91 -1.20 28.55
CA GLU A 233 9.72 -2.16 29.25
C GLU A 233 10.75 -1.52 30.15
N ALA A 234 10.94 -0.22 29.98
CA ALA A 234 12.04 0.47 30.62
C ALA A 234 11.63 1.30 31.81
N LEU A 235 10.43 1.05 32.28
CA LEU A 235 9.89 1.78 33.39
C LEU A 235 9.65 0.85 34.54
N HIS A 236 9.75 1.33 35.76
CA HIS A 236 9.52 0.47 36.89
C HIS A 236 8.11 0.00 36.77
N ASN A 237 7.88 -1.28 36.99
CA ASN A 237 6.54 -1.81 36.98
C ASN A 237 5.98 -1.72 35.58
N HIS A 238 6.82 -1.29 34.66
CA HIS A 238 6.45 -1.19 33.27
C HIS A 238 5.28 -0.28 33.17
N TYR A 239 5.27 0.70 34.06
CA TYR A 239 4.21 1.70 34.10
C TYR A 239 4.65 3.02 34.71
N THR A 240 4.08 4.12 34.21
CA THR A 240 4.18 5.44 34.84
C THR A 240 2.93 6.27 34.50
N GLN A 241 2.57 7.24 35.33
CA GLN A 241 1.44 8.08 35.05
C GLN A 241 1.79 9.50 35.30
N LYS A 242 1.26 10.38 34.46
CA LYS A 242 1.46 11.82 34.54
C LYS A 242 0.10 12.46 34.45
N SER A 243 -0.18 13.45 35.28
CA SER A 243 -1.51 14.00 35.42
C SER A 243 -1.61 15.43 34.96
N LEU A 244 -2.71 15.75 34.28
CA LEU A 244 -2.90 17.10 33.79
C LEU A 244 -4.27 17.69 34.12
N SER A 245 -4.29 18.75 34.89
CA SER A 245 -5.50 19.51 35.15
C SER A 245 -5.11 20.96 35.27
N LEU A 246 -6.06 21.82 35.58
CA LEU A 246 -5.70 23.20 35.82
C LEU A 246 -4.95 23.34 37.14
N SER A 247 -4.16 24.39 37.24
CA SER A 247 -3.28 24.58 38.39
C SER A 247 -4.06 24.97 39.64
N ALA B 39 9.15 -10.68 -16.04
CA ALA B 39 8.67 -9.78 -17.07
C ALA B 39 8.41 -8.35 -16.57
N GLY B 40 9.42 -7.48 -16.73
CA GLY B 40 9.42 -6.06 -16.32
C GLY B 40 9.61 -5.05 -17.45
N PRO B 41 9.93 -3.77 -17.21
CA PRO B 41 10.31 -3.19 -15.92
C PRO B 41 9.14 -2.52 -15.22
N ASP B 42 9.27 -2.29 -13.92
CA ASP B 42 8.20 -1.65 -13.14
C ASP B 42 8.25 -0.14 -13.31
N VAL B 43 7.18 0.54 -12.90
CA VAL B 43 7.13 1.98 -13.01
C VAL B 43 6.44 2.53 -11.78
N PHE B 44 7.13 3.41 -11.09
CA PHE B 44 6.56 4.11 -9.95
C PHE B 44 6.57 5.59 -10.28
N LEU B 45 5.48 6.26 -9.92
CA LEU B 45 5.26 7.63 -10.34
C LEU B 45 5.00 8.47 -9.10
N PHE B 46 5.90 9.39 -8.81
CA PHE B 46 5.87 10.15 -7.58
C PHE B 46 5.25 11.52 -7.75
N PRO B 47 4.74 12.10 -6.65
CA PRO B 47 4.19 13.46 -6.66
C PRO B 47 5.21 14.50 -6.21
N PRO B 48 4.89 15.79 -6.40
CA PRO B 48 5.74 16.86 -5.88
C PRO B 48 5.69 16.91 -4.36
N LYS B 49 6.76 17.39 -3.76
CA LYS B 49 6.74 17.74 -2.36
C LYS B 49 5.86 18.98 -2.22
N PRO B 50 5.24 19.17 -1.04
CA PRO B 50 4.19 20.19 -0.95
C PRO B 50 4.71 21.62 -1.00
N LYS B 51 5.90 21.88 -0.46
CA LYS B 51 6.54 23.19 -0.56
C LYS B 51 6.56 23.70 -1.99
N ASP B 52 7.03 22.84 -2.89
CA ASP B 52 7.15 23.20 -4.31
C ASP B 52 5.81 23.62 -4.91
N THR B 53 4.73 22.98 -4.48
CA THR B 53 3.41 23.26 -5.02
C THR B 53 2.75 24.48 -4.38
N LEU B 54 3.01 24.69 -3.09
CA LEU B 54 2.34 25.73 -2.32
C LEU B 54 2.91 27.12 -2.58
N MET B 55 4.22 27.27 -2.38
CA MET B 55 4.90 28.54 -2.63
C MET B 55 5.24 28.68 -4.11
N ILE B 56 4.83 29.79 -4.70
CA ILE B 56 5.14 30.11 -6.08
C ILE B 56 6.60 29.88 -6.44
N SER B 57 7.49 30.54 -5.70
CA SER B 57 8.92 30.60 -6.01
C SER B 57 9.53 29.31 -6.53
N ARG B 58 9.13 28.18 -5.97
CA ARG B 58 9.76 26.90 -6.27
C ARG B 58 9.13 26.28 -7.53
N THR B 59 9.64 25.11 -7.92
CA THR B 59 9.21 24.46 -9.15
C THR B 59 8.78 23.01 -8.90
N PRO B 60 7.46 22.77 -8.78
CA PRO B 60 6.99 21.42 -8.48
C PRO B 60 6.96 20.52 -9.72
N GLU B 61 7.26 19.24 -9.50
CA GLU B 61 7.36 18.28 -10.58
C GLU B 61 6.96 16.89 -10.13
N VAL B 62 6.20 16.18 -10.96
CA VAL B 62 5.96 14.76 -10.76
C VAL B 62 7.13 13.98 -11.35
N THR B 63 7.60 12.97 -10.63
CA THR B 63 8.77 12.20 -11.04
C THR B 63 8.33 10.79 -11.41
N CYS B 64 8.45 10.47 -12.70
CA CYS B 64 8.12 9.14 -13.18
C CYS B 64 9.39 8.34 -13.37
N VAL B 65 9.65 7.46 -12.41
CA VAL B 65 10.88 6.68 -12.40
C VAL B 65 10.55 5.27 -12.89
N VAL B 66 11.31 4.83 -13.88
CA VAL B 66 11.20 3.48 -14.43
C VAL B 66 12.34 2.66 -13.87
N VAL B 67 12.02 1.44 -13.49
CA VAL B 67 12.93 0.57 -12.75
C VAL B 67 12.90 -0.84 -13.31
N ASP B 68 13.88 -1.64 -12.96
CA ASP B 68 14.03 -3.00 -13.48
C ASP B 68 14.06 -3.00 -15.01
N VAL B 69 14.97 -2.22 -15.58
CA VAL B 69 15.10 -2.17 -17.03
C VAL B 69 16.31 -3.02 -17.38
N SER B 70 16.06 -4.03 -18.19
CA SER B 70 17.09 -5.02 -18.49
C SER B 70 18.04 -4.48 -19.54
N HIS B 71 19.26 -5.01 -19.53
CA HIS B 71 20.27 -4.62 -20.49
C HIS B 71 19.86 -5.04 -21.90
N GLU B 72 19.14 -6.15 -22.01
CA GLU B 72 18.64 -6.62 -23.29
C GLU B 72 17.57 -5.71 -23.86
N ASP B 73 16.86 -5.02 -22.97
CA ASP B 73 15.77 -4.14 -23.36
C ASP B 73 15.89 -2.83 -22.59
N PRO B 74 16.87 -1.99 -22.99
CA PRO B 74 17.26 -0.79 -22.25
C PRO B 74 16.63 0.50 -22.78
N GLU B 75 16.10 0.48 -24.00
CA GLU B 75 15.53 1.69 -24.57
C GLU B 75 14.14 1.89 -23.98
N VAL B 76 13.85 3.12 -23.54
CA VAL B 76 12.66 3.40 -22.76
C VAL B 76 12.06 4.75 -23.18
N LYS B 77 10.84 4.70 -23.73
CA LYS B 77 10.14 5.87 -24.22
C LYS B 77 9.09 6.36 -23.23
N PHE B 78 8.92 7.68 -23.14
CA PHE B 78 7.95 8.30 -22.24
C PHE B 78 6.92 9.13 -23.00
N ASN B 79 5.65 8.90 -22.68
CA ASN B 79 4.58 9.78 -23.12
C ASN B 79 3.91 10.36 -21.88
N TRP B 80 3.80 11.68 -21.83
CA TRP B 80 3.24 12.38 -20.67
C TRP B 80 1.92 13.05 -21.02
N TYR B 81 0.95 12.93 -20.11
CA TYR B 81 -0.38 13.46 -20.35
C TYR B 81 -0.87 14.23 -19.12
N VAL B 82 -1.60 15.31 -19.38
CA VAL B 82 -2.20 16.11 -18.32
C VAL B 82 -3.71 16.25 -18.57
N ASP B 83 -4.51 15.63 -17.71
CA ASP B 83 -5.96 15.57 -17.90
C ASP B 83 -6.26 14.95 -19.26
N GLY B 84 -5.45 13.97 -19.62
CA GLY B 84 -5.66 13.20 -20.84
C GLY B 84 -5.02 13.82 -22.07
N VAL B 85 -4.59 15.07 -21.95
CA VAL B 85 -3.93 15.78 -23.05
C VAL B 85 -2.40 15.69 -22.94
N GLU B 86 -1.75 15.32 -24.04
CA GLU B 86 -0.30 15.14 -24.03
C GLU B 86 0.50 16.45 -23.92
N VAL B 87 1.65 16.38 -23.24
CA VAL B 87 2.62 17.47 -23.17
C VAL B 87 4.00 16.91 -23.46
N HIS B 88 4.96 17.77 -23.83
CA HIS B 88 6.31 17.32 -24.18
C HIS B 88 7.38 18.16 -23.50
N ASN B 89 6.98 18.89 -22.47
CA ASN B 89 7.95 19.66 -21.68
C ASN B 89 8.58 18.84 -20.56
N ALA B 90 8.55 17.52 -20.69
CA ALA B 90 9.19 16.64 -19.73
C ALA B 90 10.63 16.35 -20.18
N LYS B 91 11.52 16.13 -19.22
CA LYS B 91 12.92 15.84 -19.51
C LYS B 91 13.43 14.51 -18.97
N THR B 92 13.57 13.54 -19.88
CA THR B 92 14.15 12.25 -19.53
C THR B 92 15.63 12.39 -19.24
N LYS B 93 16.00 12.00 -18.02
CA LYS B 93 17.36 12.08 -17.51
C LYS B 93 18.24 10.94 -17.99
N PRO B 94 19.56 11.10 -17.82
CA PRO B 94 20.46 10.03 -18.25
C PRO B 94 20.19 8.76 -17.44
N ARG B 95 20.15 7.63 -18.15
CA ARG B 95 19.91 6.35 -17.51
C ARG B 95 21.03 6.08 -16.53
N GLU B 96 20.67 5.54 -15.37
CA GLU B 96 21.64 5.27 -14.35
C GLU B 96 21.64 3.78 -14.13
N GLU B 97 22.72 3.11 -14.50
CA GLU B 97 22.80 1.70 -14.23
C GLU B 97 22.80 1.58 -12.73
N GLN B 98 21.98 0.66 -12.30
CA GLN B 98 21.85 0.30 -10.89
C GLN B 98 22.76 -0.88 -10.49
N TYR B 99 22.54 -1.40 -9.30
CA TYR B 99 23.48 -2.33 -8.67
C TYR B 99 23.22 -3.82 -8.92
N ASN B 100 21.96 -4.20 -9.10
CA ASN B 100 21.63 -5.59 -9.40
C ASN B 100 21.86 -5.92 -10.88
N SER B 101 22.67 -5.10 -11.54
CA SER B 101 22.97 -5.26 -12.95
C SER B 101 21.69 -5.03 -13.76
N THR B 102 20.87 -4.08 -13.30
CA THR B 102 19.71 -3.60 -14.06
C THR B 102 19.70 -2.07 -14.11
N TYR B 103 19.32 -1.52 -15.26
CA TYR B 103 19.18 -0.07 -15.41
C TYR B 103 18.08 0.57 -14.55
N ARG B 104 18.12 1.90 -14.51
CA ARG B 104 17.11 2.72 -13.85
C ARG B 104 17.06 4.07 -14.56
N VAL B 105 15.87 4.52 -14.92
CA VAL B 105 15.66 5.67 -15.76
C VAL B 105 14.70 6.63 -15.08
N VAL B 106 14.72 7.90 -15.42
CA VAL B 106 13.83 8.86 -14.78
C VAL B 106 13.44 10.02 -15.71
N SER B 107 12.14 10.27 -15.82
CA SER B 107 11.61 11.46 -16.48
C SER B 107 10.90 12.35 -15.47
N VAL B 108 11.04 13.64 -15.65
CA VAL B 108 10.35 14.62 -14.82
C VAL B 108 9.45 15.49 -15.68
N LEU B 109 8.24 15.74 -15.20
CA LEU B 109 7.38 16.73 -15.82
C LEU B 109 7.24 17.87 -14.84
N THR B 110 7.36 19.09 -15.35
CA THR B 110 7.20 20.28 -14.55
C THR B 110 5.75 20.72 -14.63
N VAL B 111 5.11 20.90 -13.47
CA VAL B 111 3.69 21.18 -13.42
C VAL B 111 3.44 22.61 -12.98
N LEU B 112 2.44 23.24 -13.57
CA LEU B 112 2.07 24.60 -13.18
C LEU B 112 1.53 24.49 -11.76
N HIS B 113 1.70 25.55 -10.98
CA HIS B 113 1.43 25.45 -9.54
C HIS B 113 -0.01 25.08 -9.26
N GLN B 114 -0.96 25.74 -9.93
CA GLN B 114 -2.37 25.46 -9.70
C GLN B 114 -2.92 24.37 -10.62
N ASP B 115 -2.06 23.79 -11.47
CA ASP B 115 -2.47 22.64 -12.27
C ASP B 115 -2.44 21.34 -11.45
N TRP B 116 -2.16 21.46 -10.16
CA TRP B 116 -2.07 20.30 -9.29
C TRP B 116 -3.03 20.50 -8.12
N LEU B 117 -3.08 21.73 -7.63
CA LEU B 117 -3.99 22.07 -6.54
C LEU B 117 -5.42 21.98 -7.04
N ASN B 118 -5.58 22.02 -8.36
CA ASN B 118 -6.90 21.88 -8.97
C ASN B 118 -7.21 20.40 -9.21
N GLY B 119 -6.19 19.55 -9.07
CA GLY B 119 -6.41 18.11 -9.02
C GLY B 119 -6.20 17.37 -10.33
N LYS B 120 -5.54 18.02 -11.28
CA LYS B 120 -5.42 17.44 -12.61
C LYS B 120 -4.62 16.14 -12.54
N GLU B 121 -5.11 15.11 -13.21
CA GLU B 121 -4.43 13.81 -13.22
C GLU B 121 -3.27 13.82 -14.20
N TYR B 122 -2.10 13.50 -13.68
CA TYR B 122 -0.87 13.40 -14.47
C TYR B 122 -0.57 11.93 -14.77
N LYS B 123 -0.54 11.62 -16.07
CA LYS B 123 -0.35 10.25 -16.54
C LYS B 123 1.02 10.11 -17.18
N CYS B 124 1.65 8.96 -16.99
CA CYS B 124 3.01 8.70 -17.46
C CYS B 124 3.10 7.35 -18.14
N LYS B 125 3.14 7.37 -19.47
CA LYS B 125 3.07 6.15 -20.27
C LYS B 125 4.45 5.72 -20.75
N VAL B 126 4.90 4.58 -20.23
CA VAL B 126 6.23 4.03 -20.51
C VAL B 126 6.16 2.94 -21.57
N SER B 127 6.65 3.23 -22.77
CA SER B 127 6.72 2.22 -23.82
C SER B 127 8.04 1.46 -23.74
N ASN B 128 7.98 0.15 -24.00
CA ASN B 128 9.17 -0.72 -23.92
C ASN B 128 8.83 -2.14 -24.39
N LYS B 129 9.85 -2.89 -24.81
CA LYS B 129 9.68 -4.19 -25.49
C LYS B 129 9.84 -5.43 -24.59
N ALA B 130 9.74 -5.18 -23.31
CA ALA B 130 9.75 -6.21 -22.27
C ALA B 130 8.28 -6.37 -21.87
N LEU B 131 7.53 -5.28 -22.05
CA LEU B 131 6.10 -5.23 -21.75
C LEU B 131 5.31 -5.18 -23.05
N PRO B 132 4.32 -6.06 -23.13
CA PRO B 132 3.44 -6.22 -24.31
C PRO B 132 2.64 -4.94 -24.54
N LEU B 133 2.24 -4.29 -23.45
CA LEU B 133 1.48 -3.04 -23.54
C LEU B 133 2.17 -1.94 -22.71
N PRO B 134 2.32 -0.74 -23.28
CA PRO B 134 2.97 0.33 -22.53
C PRO B 134 2.43 0.35 -21.09
N GLU B 135 3.21 0.79 -20.12
CA GLU B 135 2.72 0.89 -18.75
C GLU B 135 2.34 2.32 -18.38
N GLU B 136 1.05 2.51 -18.17
CA GLU B 136 0.50 3.76 -17.68
C GLU B 136 0.41 3.76 -16.15
N LYS B 137 0.92 4.81 -15.52
CA LYS B 137 0.63 5.12 -14.12
C LYS B 137 0.08 6.53 -14.02
N THR B 138 -0.78 6.76 -13.03
CA THR B 138 -1.36 8.07 -12.82
C THR B 138 -1.22 8.51 -11.37
N ILE B 139 -1.21 9.82 -11.15
CA ILE B 139 -1.13 10.40 -9.83
C ILE B 139 -1.92 11.69 -9.84
N SER B 140 -2.42 12.11 -8.69
CA SER B 140 -3.18 13.34 -8.61
C SER B 140 -3.29 13.85 -7.20
N LYS B 141 -4.01 14.96 -7.04
CA LYS B 141 -4.28 15.54 -5.74
C LYS B 141 -5.18 14.66 -4.90
N ALA B 142 -5.01 14.74 -3.58
CA ALA B 142 -5.92 14.11 -2.66
C ALA B 142 -7.30 14.69 -2.94
N LYS B 143 -8.24 13.82 -3.32
CA LYS B 143 -9.58 14.27 -3.65
C LYS B 143 -10.29 14.62 -2.34
N GLY B 144 -10.92 15.80 -2.28
CA GLY B 144 -11.67 16.20 -1.11
C GLY B 144 -11.49 17.64 -0.69
N GLN B 145 -12.58 18.24 -0.20
CA GLN B 145 -12.58 19.60 0.34
C GLN B 145 -11.38 19.90 1.22
N PRO B 146 -10.68 21.03 0.97
CA PRO B 146 -9.57 21.42 1.86
C PRO B 146 -10.06 21.93 3.21
N ARG B 147 -9.28 21.71 4.27
CA ARG B 147 -9.64 22.18 5.61
C ARG B 147 -8.49 22.95 6.26
N GLU B 148 -8.82 24.10 6.85
CA GLU B 148 -7.85 25.01 7.45
C GLU B 148 -7.07 24.39 8.61
N PRO B 149 -5.74 24.21 8.43
CA PRO B 149 -5.00 23.74 9.61
C PRO B 149 -5.09 24.75 10.74
N GLN B 150 -5.37 24.26 11.94
CA GLN B 150 -5.23 25.06 13.14
C GLN B 150 -3.84 24.84 13.72
N VAL B 151 -3.16 25.92 14.10
CA VAL B 151 -1.80 25.82 14.62
C VAL B 151 -1.76 26.31 16.06
N TYR B 152 -1.09 25.56 16.92
CA TYR B 152 -0.94 25.92 18.33
C TYR B 152 0.48 25.61 18.79
N THR B 153 1.08 26.56 19.51
CA THR B 153 2.44 26.37 20.02
C THR B 153 2.42 26.09 21.51
N LEU B 154 3.11 25.02 21.89
CA LEU B 154 3.07 24.53 23.27
C LEU B 154 4.45 24.56 23.90
N PRO B 155 4.58 25.24 25.06
CA PRO B 155 5.87 25.29 25.75
C PRO B 155 6.17 23.97 26.47
N PRO B 156 7.36 23.86 27.09
CA PRO B 156 7.75 22.62 27.75
C PRO B 156 6.94 22.41 29.02
N SER B 157 7.01 21.21 29.56
CA SER B 157 6.33 20.87 30.80
C SER B 157 7.16 21.39 31.98
N ARG B 158 6.48 21.81 33.04
CA ARG B 158 7.14 22.15 34.29
C ARG B 158 8.11 21.03 34.70
N ASP B 159 7.80 19.81 34.26
CA ASP B 159 8.62 18.65 34.54
C ASP B 159 9.90 18.60 33.69
N GLU B 160 9.86 19.15 32.47
CA GLU B 160 11.01 19.04 31.56
C GLU B 160 12.07 20.11 31.84
N LEU B 161 11.66 21.25 32.40
CA LEU B 161 12.58 22.32 32.78
C LEU B 161 13.75 21.80 33.64
N THR B 162 13.53 20.66 34.27
CA THR B 162 14.54 20.10 35.16
C THR B 162 15.64 19.36 34.41
N LYS B 163 15.74 19.57 33.10
CA LYS B 163 16.74 18.89 32.29
C LYS B 163 17.58 19.87 31.45
N ASN B 164 18.67 19.36 30.89
CA ASN B 164 19.67 20.13 30.16
C ASN B 164 19.15 20.62 28.83
N GLN B 165 18.00 20.11 28.43
CA GLN B 165 17.39 20.47 27.17
C GLN B 165 15.87 20.26 27.23
N VAL B 166 15.13 21.32 26.89
CA VAL B 166 13.67 21.29 26.83
C VAL B 166 13.14 21.18 25.41
N SER B 167 11.84 20.92 25.29
CA SER B 167 11.17 20.80 24.00
C SER B 167 10.11 21.88 23.79
N LEU B 168 9.95 22.28 22.54
CA LEU B 168 8.88 23.19 22.12
C LEU B 168 8.02 22.43 21.12
N THR B 169 6.71 22.47 21.32
CA THR B 169 5.81 21.68 20.49
C THR B 169 4.92 22.57 19.61
N CYS B 170 4.79 22.18 18.37
CA CYS B 170 3.91 22.87 17.47
C CYS B 170 2.88 21.83 17.24
N LEU B 171 1.62 22.15 17.43
CA LEU B 171 0.49 21.28 17.18
C LEU B 171 -0.28 21.79 15.95
N VAL B 172 -0.24 21.01 14.88
CA VAL B 172 -1.01 21.32 13.69
C VAL B 172 -2.11 20.29 13.51
N LYS B 173 -3.36 20.73 13.63
CA LYS B 173 -4.51 19.84 13.58
C LYS B 173 -5.63 20.39 12.71
N GLY B 174 -6.46 19.47 12.20
CA GLY B 174 -7.69 19.86 11.55
C GLY B 174 -7.53 20.18 10.08
N PHE B 175 -6.52 19.63 9.42
CA PHE B 175 -6.27 19.97 8.02
C PHE B 175 -6.47 18.82 7.04
N TYR B 176 -7.06 19.14 5.90
CA TYR B 176 -7.14 18.25 4.76
C TYR B 176 -6.70 19.04 3.54
N PRO B 177 -5.96 18.42 2.61
CA PRO B 177 -5.45 17.04 2.57
C PRO B 177 -4.21 16.81 3.42
N SER B 178 -3.74 15.57 3.45
CA SER B 178 -2.57 15.17 4.23
C SER B 178 -1.33 16.03 3.98
N ASP B 179 -1.14 16.53 2.78
CA ASP B 179 0.10 17.18 2.48
C ASP B 179 0.19 18.47 3.19
N ILE B 180 1.30 18.69 3.88
CA ILE B 180 1.60 19.90 4.63
C ILE B 180 3.10 20.06 4.81
N ALA B 181 3.54 21.24 5.23
CA ALA B 181 4.93 21.50 5.56
C ALA B 181 5.04 22.27 6.87
N VAL B 182 5.93 21.81 7.75
CA VAL B 182 6.11 22.42 9.07
C VAL B 182 7.59 22.65 9.39
N GLU B 183 7.89 23.88 9.78
CA GLU B 183 9.24 24.35 10.10
C GLU B 183 9.31 25.21 11.35
N TRP B 184 10.49 25.26 11.95
CA TRP B 184 10.77 26.10 13.10
C TRP B 184 11.78 27.17 12.73
N GLU B 185 11.73 28.29 13.45
CA GLU B 185 12.70 29.35 13.29
C GLU B 185 12.98 30.03 14.63
N SER B 186 14.06 30.79 14.68
CA SER B 186 14.46 31.52 15.88
C SER B 186 14.69 32.98 15.53
N ASN B 187 13.77 33.82 15.98
CA ASN B 187 13.78 35.26 15.68
C ASN B 187 13.86 35.53 14.18
N GLY B 188 13.45 34.55 13.37
CA GLY B 188 13.36 34.71 11.93
C GLY B 188 14.22 33.71 11.18
N GLN B 189 15.28 33.25 11.85
CA GLN B 189 16.27 32.36 11.24
C GLN B 189 15.93 30.88 11.49
N PRO B 190 16.38 29.97 10.61
CA PRO B 190 16.05 28.53 10.71
C PRO B 190 16.75 27.73 11.82
N GLU B 191 15.94 27.17 12.72
CA GLU B 191 16.40 26.25 13.76
C GLU B 191 16.69 24.86 13.20
N ASN B 192 17.52 24.09 13.90
CA ASN B 192 18.07 22.86 13.34
C ASN B 192 17.82 21.60 14.18
N ASN B 193 17.07 21.73 15.27
CA ASN B 193 16.89 20.59 16.17
C ASN B 193 15.43 20.19 16.39
N TYR B 194 14.73 19.87 15.30
CA TYR B 194 13.37 19.36 15.38
C TYR B 194 13.13 18.18 14.45
N LYS B 195 12.31 17.23 14.92
CA LYS B 195 11.80 16.15 14.09
C LYS B 195 10.27 16.25 14.09
N THR B 196 9.63 15.65 13.08
CA THR B 196 8.18 15.80 12.88
C THR B 196 7.43 14.47 12.74
N THR B 197 6.31 14.38 13.45
CA THR B 197 5.45 13.20 13.43
C THR B 197 4.71 13.07 12.10
N PRO B 198 4.44 11.77 11.68
CA PRO B 198 3.70 11.69 10.41
C PRO B 198 2.26 12.15 10.55
N PRO B 199 1.61 12.59 9.41
CA PRO B 199 0.22 13.01 9.64
C PRO B 199 -0.60 11.86 10.18
N VAL B 200 -1.50 12.14 11.12
CA VAL B 200 -2.31 11.09 11.73
C VAL B 200 -3.79 11.39 11.54
N LEU B 201 -4.53 10.42 11.02
CA LEU B 201 -5.95 10.62 10.73
C LEU B 201 -6.74 10.84 12.01
N ASP B 202 -7.31 12.03 12.16
CA ASP B 202 -8.08 12.40 13.35
C ASP B 202 -9.46 11.77 13.26
N SER B 203 -10.12 11.65 14.41
CA SER B 203 -11.44 11.03 14.49
C SER B 203 -12.57 11.82 13.84
N ASP B 204 -12.24 12.93 13.17
CA ASP B 204 -13.26 13.76 12.52
C ASP B 204 -12.98 14.01 11.06
N GLY B 205 -12.23 13.11 10.43
CA GLY B 205 -11.94 13.21 9.00
C GLY B 205 -10.74 14.09 8.70
N SER B 206 -10.32 14.88 9.68
CA SER B 206 -9.15 15.73 9.54
C SER B 206 -7.87 14.95 9.81
N PHE B 207 -6.74 15.60 9.54
CA PHE B 207 -5.43 15.07 9.91
C PHE B 207 -4.85 15.97 10.99
N PHE B 208 -3.87 15.45 11.72
CA PHE B 208 -3.09 16.27 12.64
C PHE B 208 -1.68 15.71 12.74
N LEU B 209 -0.76 16.54 13.24
CA LEU B 209 0.59 16.08 13.53
C LEU B 209 1.24 16.95 14.59
N TYR B 210 2.46 16.57 14.95
CA TYR B 210 3.22 17.24 15.99
C TYR B 210 4.65 17.46 15.54
N SER B 211 5.19 18.64 15.81
CA SER B 211 6.59 18.94 15.53
C SER B 211 7.30 19.25 16.85
N LYS B 212 8.38 18.52 17.14
CA LYS B 212 9.07 18.66 18.42
C LYS B 212 10.43 19.34 18.23
N LEU B 213 10.48 20.64 18.51
CA LEU B 213 11.74 21.39 18.46
C LEU B 213 12.44 21.30 19.80
N THR B 214 13.75 21.09 19.76
CA THR B 214 14.55 20.86 20.96
C THR B 214 15.63 21.94 21.10
N VAL B 215 15.67 22.58 22.27
CA VAL B 215 16.72 23.56 22.56
C VAL B 215 17.43 23.20 23.85
N ASP B 216 18.41 24.01 24.19
CA ASP B 216 19.05 23.89 25.46
C ASP B 216 18.16 24.64 26.40
N LYS B 217 18.27 24.42 27.69
CA LYS B 217 17.35 25.01 28.64
C LYS B 217 17.39 26.53 28.63
N SER B 218 18.57 27.08 28.44
CA SER B 218 18.92 28.47 28.71
C SER B 218 18.10 29.49 27.95
N ARG B 219 17.94 29.14 26.67
CA ARG B 219 17.30 29.96 25.66
C ARG B 219 15.85 30.17 25.97
N TRP B 220 15.21 29.09 26.37
CA TRP B 220 13.80 29.16 26.62
C TRP B 220 13.63 30.28 27.63
N GLN B 221 14.54 30.32 28.57
CA GLN B 221 14.55 31.31 29.62
C GLN B 221 15.37 32.53 29.18
N GLN B 222 15.87 32.52 27.95
CA GLN B 222 16.84 33.52 27.56
C GLN B 222 16.38 34.98 27.71
N GLY B 223 15.13 35.24 27.37
CA GLY B 223 14.26 34.22 26.84
C GLY B 223 13.95 34.57 25.41
N ASN B 224 14.18 33.62 24.52
CA ASN B 224 14.07 33.85 23.10
C ASN B 224 12.73 33.45 22.58
N VAL B 225 12.23 34.23 21.65
CA VAL B 225 11.12 33.87 20.77
C VAL B 225 11.46 32.83 19.70
N PHE B 226 10.63 31.79 19.64
CA PHE B 226 10.69 30.77 18.60
C PHE B 226 9.35 30.73 17.88
N SER B 227 9.33 30.33 16.62
CA SER B 227 8.08 30.31 15.87
C SER B 227 8.04 29.14 14.91
N CYS B 228 6.96 28.37 14.98
CA CYS B 228 6.76 27.24 14.08
C CYS B 228 5.91 27.76 12.93
N SER B 229 6.38 27.54 11.71
CA SER B 229 5.71 28.02 10.51
C SER B 229 5.11 26.89 9.67
N VAL B 230 3.89 27.11 9.18
CA VAL B 230 3.12 26.08 8.49
C VAL B 230 2.65 26.54 7.11
N MET B 231 2.93 25.72 6.11
CA MET B 231 2.49 25.99 4.75
C MET B 231 1.48 24.94 4.33
N HIS B 232 0.30 25.39 3.91
CA HIS B 232 -0.79 24.51 3.52
C HIS B 232 -1.75 25.24 2.59
N GLU B 233 -2.49 24.47 1.79
CA GLU B 233 -3.34 25.03 0.75
C GLU B 233 -4.60 25.71 1.28
N ALA B 234 -4.85 25.61 2.58
CA ALA B 234 -6.08 26.12 3.19
C ALA B 234 -5.79 27.35 4.05
N LEU B 235 -4.59 27.89 3.91
CA LEU B 235 -4.19 29.10 4.62
C LEU B 235 -4.08 30.32 3.70
N HIS B 236 -4.23 31.50 4.29
CA HIS B 236 -4.01 32.73 3.57
C HIS B 236 -2.56 32.78 3.11
N ASN B 237 -2.34 33.06 1.82
CA ASN B 237 -0.99 33.08 1.25
C ASN B 237 -0.26 31.74 1.39
N HIS B 238 -1.01 30.69 1.73
CA HIS B 238 -0.45 29.35 1.97
C HIS B 238 0.53 29.33 3.13
N TYR B 239 0.42 30.27 4.06
CA TYR B 239 1.39 30.39 5.14
C TYR B 239 0.73 30.88 6.43
N THR B 240 1.27 30.44 7.56
CA THR B 240 0.92 31.01 8.84
C THR B 240 2.02 30.72 9.85
N GLN B 241 2.08 31.53 10.89
CA GLN B 241 3.14 31.42 11.88
C GLN B 241 2.60 31.62 13.30
N LYS B 242 3.06 30.79 14.22
CA LYS B 242 2.70 30.89 15.63
C LYS B 242 3.99 30.85 16.44
N SER B 243 4.14 31.79 17.37
CA SER B 243 5.39 32.04 18.07
C SER B 243 5.32 31.71 19.57
N LEU B 244 6.48 31.42 20.15
CA LEU B 244 6.50 31.08 21.54
C LEU B 244 7.57 31.77 22.38
N SER B 245 7.12 32.44 23.42
CA SER B 245 8.01 33.07 24.37
C SER B 245 7.54 32.86 25.78
N LEU B 246 8.32 33.36 26.72
CA LEU B 246 7.98 33.26 28.12
C LEU B 246 6.78 34.14 28.46
N ALA C 26 -17.73 -26.91 -46.11
CA ALA C 26 -16.32 -26.87 -45.76
C ALA C 26 -16.30 -25.86 -44.67
N VAL C 27 -15.78 -26.23 -43.53
CA VAL C 27 -15.82 -25.27 -42.47
C VAL C 27 -14.43 -25.05 -41.99
N VAL C 28 -14.04 -23.80 -41.87
CA VAL C 28 -12.77 -23.51 -41.23
C VAL C 28 -12.80 -23.95 -39.78
N PHE C 29 -11.64 -24.40 -39.34
CA PHE C 29 -11.46 -24.95 -37.99
C PHE C 29 -10.13 -24.48 -37.37
N LEU C 30 -10.24 -23.86 -36.19
CA LEU C 30 -9.08 -23.30 -35.49
C LEU C 30 -8.44 -24.36 -34.59
N GLU C 31 -7.20 -24.11 -34.17
CA GLU C 31 -6.45 -25.06 -33.36
C GLU C 31 -5.20 -24.40 -32.76
N PRO C 32 -5.28 -23.92 -31.50
CA PRO C 32 -6.41 -23.97 -30.56
C PRO C 32 -7.62 -23.19 -31.03
N GLN C 33 -8.82 -23.60 -30.64
CA GLN C 33 -9.99 -23.01 -31.23
C GLN C 33 -9.95 -21.54 -30.97
N TRP C 34 -9.47 -21.20 -29.82
CA TRP C 34 -9.62 -19.84 -29.29
C TRP C 34 -9.63 -18.81 -30.41
N TYR C 35 -10.74 -18.11 -30.55
CA TYR C 35 -10.88 -17.07 -31.56
C TYR C 35 -10.28 -15.77 -31.06
N ARG C 36 -10.06 -15.70 -29.74
CA ARG C 36 -9.37 -14.57 -29.12
C ARG C 36 -7.95 -14.98 -28.74
N VAL C 37 -6.97 -14.18 -29.17
CA VAL C 37 -5.56 -14.48 -28.96
C VAL C 37 -4.75 -13.22 -28.63
N LEU C 38 -3.66 -13.40 -27.89
CA LEU C 38 -2.72 -12.32 -27.61
C LEU C 38 -1.61 -12.33 -28.66
N GLU C 39 -0.82 -11.25 -28.73
CA GLU C 39 0.29 -11.24 -29.65
C GLU C 39 1.32 -12.26 -29.21
N LYS C 40 2.14 -12.71 -30.16
CA LYS C 40 3.10 -13.78 -29.94
C LYS C 40 2.40 -15.10 -29.66
N ASP C 41 1.21 -15.28 -30.23
CA ASP C 41 0.50 -16.54 -30.10
C ASP C 41 0.58 -17.33 -31.39
N SER C 42 0.59 -18.64 -31.25
CA SER C 42 0.67 -19.56 -32.37
C SER C 42 -0.74 -20.02 -32.78
N VAL C 43 -1.21 -19.51 -33.91
CA VAL C 43 -2.54 -19.84 -34.40
C VAL C 43 -2.45 -20.73 -35.64
N THR C 44 -3.32 -21.73 -35.70
CA THR C 44 -3.44 -22.61 -36.86
C THR C 44 -4.85 -22.54 -37.44
N LEU C 45 -4.95 -22.65 -38.76
CA LEU C 45 -6.24 -22.68 -39.44
C LEU C 45 -6.32 -23.85 -40.42
N LYS C 46 -7.07 -24.87 -40.02
CA LYS C 46 -7.24 -26.07 -40.83
C LYS C 46 -8.56 -26.02 -41.60
N CYS C 47 -8.50 -26.35 -42.89
CA CYS C 47 -9.68 -26.35 -43.74
C CYS C 47 -10.18 -27.78 -43.91
N GLN C 48 -11.48 -27.98 -43.73
CA GLN C 48 -12.06 -29.33 -43.72
C GLN C 48 -12.95 -29.64 -44.91
N GLY C 49 -12.67 -30.77 -45.55
CA GLY C 49 -13.46 -31.31 -46.62
C GLY C 49 -13.53 -32.81 -46.50
N ALA C 50 -14.53 -33.41 -47.12
CA ALA C 50 -14.70 -34.85 -47.07
C ALA C 50 -14.02 -35.57 -48.25
N THR C 58 -5.69 -26.53 -51.61
CA THR C 58 -6.45 -25.53 -50.90
C THR C 58 -6.10 -24.10 -51.30
N GLN C 59 -7.11 -23.23 -51.26
CA GLN C 59 -6.89 -21.80 -51.40
C GLN C 59 -7.60 -21.07 -50.27
N TRP C 60 -7.03 -19.94 -49.88
CA TRP C 60 -7.41 -19.25 -48.65
C TRP C 60 -7.79 -17.80 -48.89
N PHE C 61 -8.31 -17.15 -47.85
CA PHE C 61 -8.63 -15.73 -47.90
C PHE C 61 -8.54 -15.08 -46.52
N HIS C 62 -7.98 -13.87 -46.48
CA HIS C 62 -7.95 -13.06 -45.26
C HIS C 62 -8.43 -11.65 -45.60
N ASN C 63 -9.44 -11.18 -44.87
CA ASN C 63 -10.08 -9.90 -45.18
C ASN C 63 -10.46 -9.86 -46.65
N GLU C 64 -10.90 -10.99 -47.19
CA GLU C 64 -11.10 -11.17 -48.65
C GLU C 64 -9.86 -10.94 -49.52
N SER C 65 -8.75 -11.57 -49.15
CA SER C 65 -7.47 -11.45 -49.84
C SER C 65 -6.96 -12.86 -50.00
N LEU C 66 -5.99 -13.10 -50.87
CA LEU C 66 -5.52 -14.48 -51.06
C LEU C 66 -4.35 -14.83 -50.15
N ILE C 67 -4.58 -15.78 -49.28
CA ILE C 67 -3.53 -16.36 -48.46
C ILE C 67 -2.52 -17.07 -49.34
N SER C 68 -1.27 -16.94 -48.98
CA SER C 68 -0.22 -17.47 -49.80
C SER C 68 -0.39 -18.97 -49.90
N SER C 69 -0.74 -19.59 -48.80
CA SER C 69 -0.68 -21.03 -48.70
C SER C 69 -1.57 -21.71 -49.73
N GLN C 70 -1.11 -22.83 -50.24
CA GLN C 70 -1.98 -23.79 -50.89
C GLN C 70 -2.32 -24.96 -49.96
N ALA C 71 -1.52 -25.16 -48.92
CA ALA C 71 -1.57 -26.46 -48.26
C ALA C 71 -2.90 -26.69 -47.54
N SER C 72 -3.08 -27.89 -47.01
CA SER C 72 -4.34 -28.29 -46.41
C SER C 72 -4.60 -27.61 -45.05
N SER C 73 -3.73 -26.69 -44.67
CA SER C 73 -3.86 -25.97 -43.41
C SER C 73 -2.81 -24.87 -43.33
N TYR C 74 -3.22 -23.68 -42.89
CA TYR C 74 -2.35 -22.51 -42.86
C TYR C 74 -1.92 -22.16 -41.43
N PHE C 75 -0.70 -21.62 -41.30
CA PHE C 75 -0.05 -21.43 -40.00
C PHE C 75 0.33 -19.97 -39.73
N ILE C 76 0.06 -19.52 -38.50
CA ILE C 76 0.49 -18.20 -38.03
C ILE C 76 1.64 -18.37 -37.05
N ASP C 77 2.82 -17.99 -37.50
CA ASP C 77 4.03 -18.03 -36.67
C ASP C 77 3.83 -17.28 -35.36
N ALA C 78 3.42 -16.02 -35.45
CA ALA C 78 3.28 -15.16 -34.28
C ALA C 78 2.20 -14.12 -34.52
N ALA C 79 1.18 -14.13 -33.68
CA ALA C 79 0.03 -13.25 -33.85
C ALA C 79 0.42 -11.78 -33.87
N THR C 80 -0.27 -11.00 -34.71
CA THR C 80 -0.14 -9.55 -34.74
C THR C 80 -1.48 -8.93 -35.14
N VAL C 81 -1.72 -7.69 -34.70
CA VAL C 81 -2.99 -6.99 -34.94
C VAL C 81 -3.40 -7.08 -36.40
N ASP C 82 -2.39 -7.11 -37.27
CA ASP C 82 -2.60 -7.21 -38.71
C ASP C 82 -3.55 -8.35 -39.07
N ASP C 83 -3.39 -9.47 -38.39
CA ASP C 83 -4.04 -10.71 -38.81
C ASP C 83 -5.49 -10.84 -38.33
N SER C 84 -6.07 -9.74 -37.86
CA SER C 84 -7.46 -9.74 -37.41
C SER C 84 -8.40 -9.90 -38.61
N GLY C 85 -9.71 -9.79 -38.35
CA GLY C 85 -10.71 -9.83 -39.40
C GLY C 85 -11.18 -11.24 -39.74
N GLU C 86 -11.84 -11.37 -40.89
CA GLU C 86 -12.45 -12.63 -41.30
C GLU C 86 -11.45 -13.56 -41.99
N TYR C 87 -11.72 -14.86 -41.91
CA TYR C 87 -10.90 -15.87 -42.58
C TYR C 87 -11.78 -16.92 -43.26
N ARG C 88 -11.49 -17.19 -44.53
CA ARG C 88 -12.26 -18.16 -45.30
C ARG C 88 -11.33 -19.19 -45.95
N CYS C 89 -11.90 -20.32 -46.35
CA CYS C 89 -11.13 -21.37 -47.02
C CYS C 89 -11.99 -22.01 -48.11
N GLN C 90 -11.32 -22.49 -49.16
CA GLN C 90 -12.00 -23.14 -50.27
C GLN C 90 -11.14 -24.25 -50.86
N THR C 91 -11.42 -25.48 -50.45
CA THR C 91 -10.78 -26.64 -51.07
C THR C 91 -11.36 -26.82 -52.46
N GLN C 92 -10.60 -27.44 -53.35
CA GLN C 92 -11.02 -27.64 -54.74
C GLN C 92 -12.42 -28.25 -54.82
N LEU C 93 -12.81 -28.98 -53.79
CA LEU C 93 -14.08 -29.69 -53.78
C LEU C 93 -15.08 -29.08 -52.80
N SER C 97 -16.25 -20.80 -48.03
CA SER C 97 -16.67 -21.10 -46.67
C SER C 97 -17.21 -19.84 -46.00
N ASP C 98 -17.99 -20.02 -44.94
CA ASP C 98 -18.52 -18.88 -44.20
C ASP C 98 -17.54 -18.48 -43.10
N PRO C 99 -17.27 -17.17 -42.97
CA PRO C 99 -16.13 -16.67 -42.18
C PRO C 99 -16.03 -17.20 -40.75
N VAL C 100 -14.80 -17.21 -40.25
CA VAL C 100 -14.49 -17.55 -38.86
C VAL C 100 -13.58 -16.44 -38.34
N GLN C 101 -14.08 -15.67 -37.37
CA GLN C 101 -13.43 -14.44 -36.93
C GLN C 101 -12.18 -14.69 -36.09
N LEU C 102 -11.32 -13.67 -36.02
CA LEU C 102 -10.10 -13.72 -35.23
C LEU C 102 -9.81 -12.35 -34.61
N GLU C 103 -9.56 -12.36 -33.30
CA GLU C 103 -9.22 -11.16 -32.55
C GLU C 103 -7.84 -11.31 -31.93
N VAL C 104 -6.91 -10.47 -32.37
CA VAL C 104 -5.59 -10.42 -31.76
C VAL C 104 -5.54 -9.29 -30.73
N HIS C 105 -5.91 -9.61 -29.49
CA HIS C 105 -5.86 -8.63 -28.41
C HIS C 105 -4.41 -8.45 -27.98
N ILE C 106 -4.16 -7.48 -27.10
CA ILE C 106 -2.80 -7.16 -26.66
C ILE C 106 -2.76 -6.83 -25.18
N GLY C 107 -1.85 -7.46 -24.47
CA GLY C 107 -1.70 -7.23 -23.06
C GLY C 107 -1.12 -8.45 -22.40
N TRP C 108 -1.15 -8.47 -21.08
CA TRP C 108 -0.71 -9.57 -20.25
C TRP C 108 -1.52 -10.86 -20.17
N LEU C 109 -2.84 -10.73 -20.09
CA LEU C 109 -3.76 -11.84 -19.90
C LEU C 109 -4.96 -11.77 -20.82
N LEU C 110 -5.44 -12.93 -21.25
CA LEU C 110 -6.60 -13.01 -22.13
C LEU C 110 -7.54 -14.12 -21.65
N LEU C 111 -8.75 -13.73 -21.25
CA LEU C 111 -9.76 -14.69 -20.84
C LEU C 111 -10.37 -15.32 -22.09
N GLN C 112 -10.14 -16.63 -22.26
CA GLN C 112 -10.56 -17.34 -23.48
C GLN C 112 -11.67 -18.36 -23.21
N ALA C 113 -12.80 -18.16 -23.86
CA ALA C 113 -13.91 -19.10 -23.82
C ALA C 113 -14.46 -19.31 -25.22
N PRO C 114 -14.95 -20.53 -25.52
CA PRO C 114 -15.46 -20.80 -26.87
C PRO C 114 -16.63 -19.87 -27.27
N ARG C 115 -17.37 -19.32 -26.30
CA ARG C 115 -18.47 -18.41 -26.60
C ARG C 115 -18.88 -17.57 -25.41
N TRP C 116 -19.61 -16.49 -25.65
CA TRP C 116 -20.10 -15.61 -24.58
C TRP C 116 -21.55 -15.87 -24.24
N VAL C 117 -22.13 -16.94 -24.80
CA VAL C 117 -23.50 -17.30 -24.45
C VAL C 117 -23.71 -18.82 -24.34
N PHE C 118 -24.28 -19.23 -23.22
CA PHE C 118 -24.60 -20.61 -23.01
C PHE C 118 -25.95 -20.66 -22.34
N LYS C 119 -26.59 -21.81 -22.39
CA LYS C 119 -27.86 -22.04 -21.76
C LYS C 119 -27.61 -23.09 -20.71
N GLU C 120 -28.46 -23.14 -19.70
CA GLU C 120 -28.16 -23.78 -18.43
C GLU C 120 -27.94 -25.29 -18.50
N GLU C 121 -27.26 -25.80 -17.49
CA GLU C 121 -26.60 -27.11 -17.47
C GLU C 121 -25.63 -27.27 -18.65
N ASP C 122 -24.82 -26.23 -18.90
CA ASP C 122 -23.81 -26.21 -19.98
C ASP C 122 -22.37 -26.00 -19.47
N PRO C 123 -21.43 -26.93 -19.64
CA PRO C 123 -20.08 -26.62 -19.16
C PRO C 123 -19.56 -25.29 -19.69
N ILE C 124 -19.04 -24.46 -18.79
CA ILE C 124 -18.36 -23.23 -19.17
C ILE C 124 -16.89 -23.39 -18.86
N HIS C 125 -16.08 -23.26 -19.91
CA HIS C 125 -14.64 -23.43 -19.80
C HIS C 125 -13.94 -22.11 -20.07
N LEU C 126 -13.30 -21.55 -19.04
CA LEU C 126 -12.51 -20.33 -19.19
C LEU C 126 -11.02 -20.61 -19.05
N ARG C 127 -10.22 -19.76 -19.68
CA ARG C 127 -8.78 -19.93 -19.72
C ARG C 127 -8.07 -18.60 -19.55
N CYS C 128 -7.28 -18.48 -18.50
CA CYS C 128 -6.56 -17.24 -18.21
C CYS C 128 -5.21 -17.24 -18.93
N HIS C 129 -5.28 -17.09 -20.25
CA HIS C 129 -4.12 -17.20 -21.12
C HIS C 129 -3.16 -16.02 -20.98
N SER C 130 -1.89 -16.33 -20.80
CA SER C 130 -0.88 -15.32 -20.54
C SER C 130 0.01 -15.08 -21.76
N TRP C 131 0.61 -13.88 -21.80
CA TRP C 131 1.52 -13.48 -22.88
C TRP C 131 2.72 -14.42 -22.95
N LYS C 132 2.90 -15.08 -24.09
CA LYS C 132 3.95 -16.09 -24.27
C LYS C 132 3.81 -17.24 -23.29
N ASN C 133 2.59 -17.66 -23.03
CA ASN C 133 2.38 -18.82 -22.21
C ASN C 133 3.28 -18.69 -21.02
N THR C 134 3.34 -17.48 -20.46
CA THR C 134 4.19 -17.24 -19.29
C THR C 134 3.69 -17.97 -18.06
N ALA C 135 4.62 -18.52 -17.28
CA ALA C 135 4.29 -19.21 -16.06
C ALA C 135 3.60 -18.25 -15.10
N LEU C 136 2.31 -18.45 -14.92
CA LEU C 136 1.50 -17.66 -14.01
C LEU C 136 1.39 -18.42 -12.69
N HIS C 137 1.05 -17.71 -11.62
CA HIS C 137 0.85 -18.33 -10.29
C HIS C 137 -0.11 -17.47 -9.54
N LYS C 138 -0.76 -18.02 -8.51
CA LYS C 138 -1.78 -17.31 -7.74
C LYS C 138 -2.80 -16.70 -8.69
N VAL C 139 -3.54 -17.56 -9.38
CA VAL C 139 -4.49 -17.11 -10.40
C VAL C 139 -5.89 -17.03 -9.82
N THR C 140 -6.57 -15.93 -10.09
CA THR C 140 -7.95 -15.72 -9.62
C THR C 140 -8.86 -15.38 -10.78
N TYR C 141 -9.89 -16.21 -10.97
CA TYR C 141 -10.99 -15.88 -11.88
C TYR C 141 -12.07 -15.16 -11.07
N LEU C 142 -12.75 -14.22 -11.70
CA LEU C 142 -13.71 -13.37 -11.01
C LEU C 142 -14.97 -13.10 -11.83
N GLN C 143 -15.98 -12.58 -11.15
CA GLN C 143 -17.25 -12.24 -11.76
C GLN C 143 -17.84 -11.07 -11.02
N ASN C 144 -18.19 -10.02 -11.76
CA ASN C 144 -18.77 -8.81 -11.18
C ASN C 144 -17.91 -8.27 -10.02
N GLY C 145 -16.61 -8.46 -10.14
CA GLY C 145 -15.65 -7.94 -9.18
C GLY C 145 -15.47 -8.85 -7.98
N LYS C 146 -15.65 -10.14 -8.18
CA LYS C 146 -15.81 -11.08 -7.08
C LYS C 146 -15.13 -12.43 -7.33
N GLY C 147 -14.20 -12.79 -6.46
CA GLY C 147 -13.39 -13.98 -6.67
C GLY C 147 -14.20 -15.26 -6.67
N ARG C 148 -14.36 -15.85 -7.84
CA ARG C 148 -15.11 -17.09 -7.99
C ARG C 148 -14.30 -18.34 -7.86
N LYS C 149 -12.99 -18.22 -7.85
CA LYS C 149 -12.11 -19.38 -7.83
C LYS C 149 -10.66 -18.94 -7.76
N TYR C 150 -9.78 -19.80 -7.27
CA TYR C 150 -8.36 -19.51 -7.18
C TYR C 150 -7.49 -20.75 -7.41
N PHE C 151 -6.29 -20.52 -7.94
CA PHE C 151 -5.31 -21.58 -8.17
C PHE C 151 -3.90 -21.11 -7.81
N HIS C 152 -3.04 -22.05 -7.46
CA HIS C 152 -1.64 -21.75 -7.20
C HIS C 152 -0.87 -21.56 -8.49
N HIS C 153 -1.26 -22.30 -9.54
CA HIS C 153 -0.63 -22.26 -10.85
C HIS C 153 -1.71 -22.08 -11.93
N ASN C 154 -1.34 -21.67 -13.14
CA ASN C 154 -2.27 -21.30 -14.19
C ASN C 154 -3.09 -22.50 -14.66
N SER C 155 -4.33 -22.57 -14.16
CA SER C 155 -5.24 -23.65 -14.49
C SER C 155 -6.54 -23.06 -15.04
N ASP C 156 -7.25 -23.86 -15.82
CA ASP C 156 -8.46 -23.40 -16.48
C ASP C 156 -9.67 -23.48 -15.56
N PHE C 157 -10.62 -22.58 -15.77
CA PHE C 157 -11.81 -22.46 -14.93
C PHE C 157 -12.97 -23.20 -15.57
N TYR C 158 -13.53 -24.16 -14.84
CA TYR C 158 -14.74 -24.85 -15.28
C TYR C 158 -15.88 -24.58 -14.33
N ILE C 159 -17.01 -24.18 -14.90
CA ILE C 159 -18.27 -24.15 -14.17
C ILE C 159 -19.06 -25.33 -14.73
N PRO C 160 -18.97 -26.49 -14.04
CA PRO C 160 -19.36 -27.78 -14.63
C PRO C 160 -20.74 -27.77 -15.27
N LYS C 161 -21.65 -26.93 -14.76
CA LYS C 161 -22.94 -26.74 -15.41
C LYS C 161 -23.49 -25.36 -15.06
N ALA C 162 -23.93 -24.66 -16.10
CA ALA C 162 -24.15 -23.22 -16.03
C ALA C 162 -25.48 -22.85 -15.39
N THR C 163 -25.39 -22.18 -14.24
CA THR C 163 -26.58 -21.66 -13.57
C THR C 163 -26.89 -20.25 -14.11
N LEU C 164 -28.03 -19.70 -13.75
CA LEU C 164 -28.37 -18.32 -14.08
C LEU C 164 -27.49 -17.30 -13.37
N LYS C 165 -27.18 -17.59 -12.12
CA LYS C 165 -26.41 -16.66 -11.28
C LYS C 165 -24.98 -16.50 -11.80
N ASP C 166 -24.62 -17.28 -12.81
CA ASP C 166 -23.27 -17.30 -13.33
C ASP C 166 -22.97 -16.15 -14.30
N SER C 167 -23.92 -15.81 -15.16
CA SER C 167 -23.68 -14.79 -16.18
C SER C 167 -23.30 -13.45 -15.56
N GLY C 168 -22.38 -12.74 -16.21
CA GLY C 168 -21.96 -11.45 -15.72
C GLY C 168 -20.68 -10.93 -16.34
N SER C 169 -19.86 -10.31 -15.50
CA SER C 169 -18.69 -9.56 -15.94
C SER C 169 -17.39 -10.21 -15.43
N TYR C 170 -16.61 -10.77 -16.34
CA TYR C 170 -15.47 -11.60 -15.96
C TYR C 170 -14.12 -11.03 -16.37
N PHE C 171 -13.08 -11.50 -15.68
CA PHE C 171 -11.68 -11.25 -16.04
C PHE C 171 -10.81 -12.08 -15.10
N CYS C 172 -9.68 -12.58 -15.60
CA CYS C 172 -8.75 -13.30 -14.75
C CYS C 172 -7.65 -12.36 -14.31
N ARG C 173 -6.94 -12.71 -13.25
CA ARG C 173 -5.75 -12.00 -12.85
C ARG C 173 -4.78 -12.92 -12.17
N GLY C 174 -3.51 -12.66 -12.34
CA GLY C 174 -2.47 -13.48 -11.75
C GLY C 174 -1.16 -12.74 -11.50
N LEU C 175 -0.06 -13.48 -11.57
CA LEU C 175 1.23 -12.87 -11.37
C LEU C 175 2.15 -13.25 -12.52
N PHE C 176 2.71 -12.23 -13.10
CA PHE C 176 3.63 -12.38 -14.15
C PHE C 176 4.89 -11.96 -13.46
N GLY C 177 5.92 -12.79 -13.46
CA GLY C 177 7.10 -12.32 -12.77
C GLY C 177 6.63 -11.86 -11.40
N SER C 178 7.00 -10.64 -11.02
CA SER C 178 6.58 -10.06 -9.76
C SER C 178 5.46 -9.05 -9.99
N LYS C 179 4.92 -9.02 -11.21
CA LYS C 179 3.90 -8.05 -11.58
C LYS C 179 2.45 -8.56 -11.51
N ASN C 180 1.61 -7.88 -10.75
CA ASN C 180 0.20 -8.20 -10.68
C ASN C 180 -0.45 -7.60 -11.91
N VAL C 181 -1.13 -8.45 -12.68
CA VAL C 181 -1.74 -8.08 -13.93
C VAL C 181 -3.14 -8.63 -13.94
N SER C 182 -3.91 -8.21 -14.93
CA SER C 182 -5.30 -8.59 -15.09
C SER C 182 -5.65 -8.63 -16.57
N SER C 183 -6.65 -9.45 -16.90
CA SER C 183 -7.09 -9.59 -18.29
C SER C 183 -8.15 -8.56 -18.62
N GLU C 184 -8.38 -8.36 -19.92
CA GLU C 184 -9.52 -7.58 -20.38
C GLU C 184 -10.79 -8.24 -19.89
N THR C 185 -11.87 -7.46 -19.83
CA THR C 185 -13.15 -7.95 -19.33
C THR C 185 -13.98 -8.57 -20.44
N VAL C 186 -14.79 -9.58 -20.09
CA VAL C 186 -15.74 -10.18 -21.02
C VAL C 186 -17.13 -10.29 -20.39
N GLN C 187 -18.17 -10.18 -21.20
CA GLN C 187 -19.54 -10.36 -20.75
C GLN C 187 -20.04 -11.76 -21.06
N ILE C 188 -20.66 -12.38 -20.06
CA ILE C 188 -21.21 -13.72 -20.22
C ILE C 188 -22.73 -13.64 -20.08
N THR C 189 -23.42 -14.60 -20.69
CA THR C 189 -24.87 -14.63 -20.71
C THR C 189 -25.41 -16.05 -20.81
N ILE C 190 -26.19 -16.44 -19.82
CA ILE C 190 -26.96 -17.64 -19.90
C ILE C 190 -28.40 -17.34 -20.30
N THR C 191 -28.97 -18.03 -21.29
CA THR C 191 -30.37 -17.74 -21.65
C THR C 191 -31.33 -18.91 -21.66
N GLN C 192 -32.61 -18.57 -21.73
CA GLN C 192 -33.74 -19.50 -21.76
C GLN C 192 -33.46 -20.85 -21.11
C1 NAG D . -7.20 -13.04 -1.00
C2 NAG D . -5.89 -12.42 -1.50
C3 NAG D . -4.86 -12.31 -0.35
C4 NAG D . -5.48 -11.64 0.89
C5 NAG D . -6.82 -12.32 1.25
C6 NAG D . -7.53 -11.63 2.41
C7 NAG D . -5.33 -12.72 -3.82
C8 NAG D . -4.73 -13.59 -4.91
N2 NAG D . -5.34 -13.20 -2.58
O3 NAG D . -3.75 -11.54 -0.80
O4 NAG D . -4.56 -11.75 2.00
O5 NAG D . -7.72 -12.30 0.12
O6 NAG D . -8.31 -10.51 1.94
O7 NAG D . -5.79 -11.61 -4.10
C1 NAG D . -3.76 -10.65 2.24
C2 NAG D . -3.62 -10.43 3.76
C3 NAG D . -2.62 -9.30 4.05
C4 NAG D . -1.29 -9.55 3.32
C5 NAG D . -1.59 -9.75 1.83
C6 NAG D . -0.36 -9.99 0.96
C7 NAG D . -5.49 -10.88 5.22
C8 NAG D . -6.85 -10.46 5.74
N2 NAG D . -4.92 -10.10 4.31
O3 NAG D . -2.39 -9.23 5.46
O4 NAG D . -0.41 -8.41 3.50
O5 NAG D . -2.47 -10.88 1.65
O6 NAG D . 0.39 -11.08 1.44
O7 NAG D . -4.96 -11.91 5.67
C1 BMA D . 0.54 -8.48 4.51
C2 BMA D . 1.86 -7.88 4.01
C3 BMA D . 2.88 -7.58 5.13
C4 BMA D . 2.23 -6.99 6.38
C5 BMA D . 0.94 -7.72 6.76
C6 BMA D . 0.23 -7.00 7.88
O2 BMA D . 1.62 -6.69 3.27
O3 BMA D . 3.81 -6.62 4.64
O4 BMA D . 3.14 -7.05 7.47
O5 BMA D . 0.04 -7.73 5.62
O6 BMA D . -0.80 -7.84 8.44
C1 MAN D . -1.54 -7.17 9.42
C2 MAN D . -2.52 -8.14 10.12
C3 MAN D . -3.71 -8.50 9.22
C4 MAN D . -4.34 -7.24 8.63
C5 MAN D . -3.28 -6.36 7.95
C6 MAN D . -3.86 -5.04 7.48
O2 MAN D . -3.01 -7.54 11.34
O3 MAN D . -4.68 -9.21 9.96
O4 MAN D . -5.33 -7.60 7.68
O5 MAN D . -2.25 -6.04 8.90
O6 MAN D . -4.46 -4.34 8.55
C1 NAG D . -2.44 -7.95 12.53
C2 NAG D . -2.95 -7.07 13.67
C3 NAG D . -2.52 -7.59 15.04
C4 NAG D . -2.68 -9.12 15.20
C5 NAG D . -2.21 -9.86 13.94
C6 NAG D . -2.60 -11.33 13.98
C7 NAG D . -3.15 -4.80 12.86
C8 NAG D . -2.54 -3.41 12.74
N2 NAG D . -2.45 -5.72 13.50
O3 NAG D . -3.28 -6.95 16.05
O4 NAG D . -1.86 -9.52 16.32
O5 NAG D . -2.83 -9.32 12.76
O6 NAG D . -4.00 -11.49 14.16
O7 NAG D . -4.25 -5.03 12.35
C1 GAL D . -2.40 -10.31 17.33
C2 GAL D . -1.39 -10.32 18.51
C3 GAL D . -1.99 -10.96 19.78
C4 GAL D . -3.37 -10.39 20.07
C5 GAL D . -4.25 -10.48 18.83
C6 GAL D . -5.65 -9.93 19.05
O2 GAL D . -0.22 -11.04 18.13
O3 GAL D . -1.13 -10.71 20.89
O4 GAL D . -3.26 -9.04 20.49
O5 GAL D . -3.64 -9.74 17.76
O6 GAL D . -6.49 -10.89 19.69
C1 MAN D . 5.11 -7.08 4.35
C2 MAN D . 6.06 -5.88 4.29
C3 MAN D . 5.81 -5.04 3.04
C4 MAN D . 5.84 -5.93 1.80
C5 MAN D . 4.86 -7.09 1.95
C6 MAN D . 4.91 -8.06 0.79
O2 MAN D . 7.42 -6.33 4.33
O3 MAN D . 6.81 -4.04 2.93
O4 MAN D . 5.50 -5.14 0.65
O5 MAN D . 5.17 -7.84 3.15
O6 MAN D . 4.09 -9.19 1.01
C1 NAG D . 8.23 -6.96 5.06
C2 NAG D . 9.44 -7.87 5.22
C3 NAG D . 10.08 -7.65 6.61
C4 NAG D . 10.25 -6.15 6.97
C5 NAG D . 9.04 -5.29 6.57
C6 NAG D . 9.32 -3.80 6.61
C7 NAG D . 8.77 -9.79 3.90
C8 NAG D . 8.35 -11.25 3.86
N2 NAG D . 9.04 -9.26 5.10
O3 NAG D . 11.34 -8.30 6.65
O4 NAG D . 10.46 -6.02 8.37
O5 NAG D . 8.62 -5.61 5.23
O6 NAG D . 8.49 -3.08 5.72
O7 NAG D . 8.87 -9.16 2.85
C1 FUL D . -8.73 -9.61 2.78
C2 FUL D . -10.15 -9.16 2.93
O2 FUL D . -10.33 -8.76 4.25
C3 FUL D . -10.30 -7.93 2.10
O3 FUL D . -9.99 -8.28 0.79
C4 FUL D . -9.36 -6.85 2.59
O4 FUL D . -9.41 -5.78 1.70
C5 FUL D . -7.96 -7.39 2.67
C6 FUL D . -7.42 -7.57 1.28
O5 FUL D . -7.91 -8.63 3.35
C1 NAG E . 17.28 -3.71 -8.57
C2 NAG E . 15.90 -4.09 -8.05
C3 NAG E . 14.95 -2.91 -8.14
C4 NAG E . 15.55 -1.72 -7.38
C5 NAG E . 16.95 -1.41 -7.94
C6 NAG E . 17.65 -0.32 -7.18
C7 NAG E . 15.62 -6.43 -8.44
C8 NAG E . 15.02 -7.54 -9.29
N2 NAG E . 15.36 -5.19 -8.82
O3 NAG E . 13.70 -3.29 -7.57
O4 NAG E . 14.69 -0.55 -7.51
O5 NAG E . 17.79 -2.59 -7.83
O6 NAG E . 17.86 0.24 -6.07
O7 NAG E . 16.33 -6.70 -7.46
C1 NAG E . 13.76 -0.39 -6.51
C2 NAG E . 13.39 1.08 -6.35
C3 NAG E . 12.31 1.21 -5.26
C4 NAG E . 11.10 0.34 -5.60
C5 NAG E . 11.58 -1.09 -5.83
C6 NAG E . 10.50 -2.06 -6.22
C7 NAG E . 14.84 2.99 -6.56
C8 NAG E . 16.10 3.71 -6.11
N2 NAG E . 14.57 1.83 -5.98
O3 NAG E . 11.92 2.56 -5.12
O4 NAG E . 10.17 0.36 -4.50
O5 NAG E . 12.58 -1.13 -6.86
O6 NAG E . 10.99 -3.40 -6.16
O7 NAG E . 14.11 3.49 -7.44
C1 BMA E . 9.13 1.28 -4.53
C2 BMA E . 7.87 0.63 -3.97
C3 BMA E . 6.74 1.67 -3.79
C4 BMA E . 7.24 2.87 -3.01
C5 BMA E . 8.48 3.42 -3.67
C6 BMA E . 9.04 4.60 -2.93
O2 BMA E . 8.17 0.03 -2.72
O3 BMA E . 5.63 1.10 -3.09
O4 BMA E . 6.24 3.85 -2.99
O5 BMA E . 9.51 2.39 -3.71
O6 BMA E . 10.33 4.93 -3.48
C1 MAN E . 10.84 6.13 -2.99
C2 MAN E . 11.98 6.58 -3.92
C3 MAN E . 13.13 5.58 -3.82
C4 MAN E . 13.61 5.48 -2.36
C5 MAN E . 12.43 5.07 -1.49
C6 MAN E . 12.75 5.00 -0.02
O2 MAN E . 12.41 7.90 -3.55
O3 MAN E . 14.20 5.96 -4.67
O4 MAN E . 14.66 4.53 -2.24
O5 MAN E . 11.34 6.01 -1.65
O6 MAN E . 11.86 4.14 0.66
C1 NAG E . 11.59 8.94 -3.97
C2 NAG E . 11.69 10.09 -2.96
C3 NAG E . 10.95 11.33 -3.46
C4 NAG E . 11.36 11.68 -4.90
C5 NAG E . 11.24 10.45 -5.80
C6 NAG E . 11.73 10.71 -7.21
C7 NAG E . 11.91 9.39 -0.67
C8 NAG E . 11.25 8.94 0.62
N2 NAG E . 11.11 9.65 -1.70
O3 NAG E . 11.25 12.43 -2.60
O4 NAG E . 10.50 12.73 -5.40
O5 NAG E . 12.04 9.38 -5.26
O6 NAG E . 13.13 10.45 -7.32
O7 NAG E . 13.13 9.51 -0.72
C1 GAL E . 11.08 13.94 -5.76
C2 GAL E . 9.97 15.01 -5.92
C3 GAL E . 10.59 16.38 -6.19
C4 GAL E . 11.64 16.73 -5.12
C5 GAL E . 12.66 15.58 -4.99
C6 GAL E . 13.68 15.80 -3.88
O2 GAL E . 9.11 14.65 -6.99
O3 GAL E . 9.57 17.38 -6.22
O4 GAL E . 11.00 16.96 -3.86
O5 GAL E . 11.98 14.34 -4.70
O6 GAL E . 15.00 15.98 -4.42
C1 MAN E . 4.46 1.04 -3.83
C2 MAN E . 3.26 1.13 -2.88
C3 MAN E . 3.20 -0.12 -2.01
C4 MAN E . 3.20 -1.40 -2.86
C5 MAN E . 4.38 -1.38 -3.84
C6 MAN E . 4.36 -2.52 -4.84
O2 MAN E . 2.05 1.25 -3.66
O3 MAN E . 2.04 -0.09 -1.20
O4 MAN E . 3.33 -2.53 -2.01
O5 MAN E . 4.36 -0.15 -4.61
O6 MAN E . 5.68 -2.95 -5.15
C1 NAG E . 1.68 2.62 -3.57
C2 NAG E . 0.93 2.73 -4.88
C3 NAG E . 0.21 4.07 -5.00
C4 NAG E . -0.60 4.36 -3.74
C5 NAG E . 0.24 4.14 -2.49
C6 NAG E . -0.59 4.36 -1.22
C7 NAG E . 1.87 1.47 -6.73
C8 NAG E . 2.75 1.51 -7.95
N2 NAG E . 1.85 2.57 -6.00
O3 NAG E . -0.67 4.05 -6.13
O4 NAG E . -1.08 5.71 -3.77
O5 NAG E . 0.77 2.82 -2.49
O6 NAG E . 0.28 4.61 -0.12
O7 NAG E . 1.21 0.48 -6.44
C1 FUC F . 18.35 0.49 -4.34
C2 FUC F . 17.86 0.48 -2.89
C3 FUC F . 18.21 -0.78 -2.09
C4 FUC F . 19.03 -1.88 -2.77
C5 FUC F . 19.37 -1.58 -4.24
C6 FUC F . 20.48 -2.43 -4.88
O2 FUC F . 16.45 0.65 -2.84
O3 FUC F . 18.90 -0.34 -0.94
O4 FUC F . 20.21 -2.10 -2.02
O5 FUC F . 19.59 -0.19 -4.39
C1 NAG G . -3.44 -8.66 -7.26
C2 NAG G . -3.14 -9.17 -5.85
C3 NAG G . -4.50 -9.07 -5.17
C4 NAG G . -5.06 -7.65 -5.34
C5 NAG G . -4.75 -6.99 -6.71
C6 NAG G . -4.89 -5.48 -6.57
C7 NAG G . -2.89 -11.52 -6.76
C8 NAG G . -2.05 -12.77 -6.66
N2 NAG G . -2.52 -10.50 -5.94
O3 NAG G . -4.39 -9.38 -3.80
O4 NAG G . -6.47 -7.69 -5.18
O5 NAG G . -3.47 -7.33 -7.24
O6 NAG G . -6.27 -5.19 -6.54
O7 NAG G . -3.84 -11.49 -7.57
C1 NAG H . -7.54 -6.98 -42.11
C2 NAG H . -6.18 -6.31 -41.99
C3 NAG H . -5.77 -6.10 -40.53
C4 NAG H . -6.89 -5.41 -39.78
C5 NAG H . -8.20 -6.18 -39.95
C6 NAG H . -9.33 -5.49 -39.21
C7 NAG H . -5.01 -7.00 -44.00
C8 NAG H . -3.93 -7.87 -44.58
N2 NAG H . -5.17 -7.09 -42.68
O3 NAG H . -4.59 -5.32 -40.47
O4 NAG H . -6.55 -5.33 -38.39
O5 NAG H . -8.53 -6.29 -41.34
O6 NAG H . -10.50 -6.31 -39.26
O7 NAG H . -5.69 -6.26 -44.70
#